data_8X0X
#
_entry.id   8X0X
#
_cell.length_a   109.160
_cell.length_b   130.340
_cell.length_c   131.775
_cell.angle_alpha   90.00
_cell.angle_beta   105.19
_cell.angle_gamma   90.00
#
_symmetry.space_group_name_H-M   'I 1 2 1'
#
loop_
_entity.id
_entity.type
_entity.pdbx_description
1 polymer 'Spike protein S1'
2 polymer 'Heavy chain of JE-5C Fab'
3 polymer 'Light chain of JE-5C Fab'
4 non-polymer 2-acetamido-2-deoxy-beta-D-glucopyranose
5 non-polymer 'SULFATE ION'
6 water water
#
loop_
_entity_poly.entity_id
_entity_poly.type
_entity_poly.pdbx_seq_one_letter_code
_entity_poly.pdbx_strand_id
1 'polypeptide(L)'
;NLCPFGEVFNATRFASVYAWNRKRISNCVADYSVLYNSASFSTFKCYGVSPTKLNDLCFTNVYADSFVIRGDEVRQIAPG
QTGKIADYNYKLPDDFTGCVIAWNSNNLDSKVGGNYNYLYRLFRKSNLKPFERDISTEIYQAGSTPCNGVEGFNCYFPLQ
SYGFQPTNGVGYQPYRVVVLSFELLHAPATVCGPK
;
E,A
2 'polypeptide(L)'
;EVQLLESGGGLVQPGGSLRLSCAASGVTVTSNYMSWVRQAPGKGLEWVSVIYSGGSTYYADSVKGRFTISRHNSKNTLYL
QMNSLRAEDTAVYYCARDLREAGGMDVWGQGTTVTVSSASTKGPSVFPLAPSSKSTSGGTAALGCLVKDYFPEPVTVSWN
SGALTSGVHTFPAVLQSSGLYSLSSVVTVPSSSLGTQTYICNVNHKPSNTKVDKKVEPKSC
;
G,H
3 'polypeptide(L)'
;DIVMTQSPSSLSASVGDRVTITCQASQDINNYLNWYQQKPGKAPKLLIYDASNLETGVPSRFSGSGSGTDFTFTISSLQP
EDIATYYCQQFDNLPWTFGQGTKVEIRRTVAAPSVFIFPPSDEQLKSGTASVVCLLNNFYPREAKVQWKVDNALQSGNSQ
ESVTEQDSKDSTYSLSSTLTLSKADYEKHKVYACEVTHQGLSSPVTKSFNRGEC
;
K,L
#
loop_
_chem_comp.id
_chem_comp.type
_chem_comp.name
_chem_comp.formula
NAG D-saccharide, beta linking 2-acetamido-2-deoxy-beta-D-glucopyranose 'C8 H15 N O6'
SO4 non-polymer 'SULFATE ION' 'O4 S -2'
#
# COMPACT_ATOMS: atom_id res chain seq x y z
N ASN A 1 -38.34 31.77 1.37
CA ASN A 1 -37.00 32.32 1.39
C ASN A 1 -35.96 31.24 1.06
N LEU A 2 -35.24 31.47 -0.03
CA LEU A 2 -34.24 30.52 -0.54
C LEU A 2 -32.88 30.76 0.10
N CYS A 3 -32.24 29.67 0.52
CA CYS A 3 -30.91 29.76 1.10
C CYS A 3 -29.95 30.37 0.09
N PRO A 4 -29.09 31.30 0.51
CA PRO A 4 -28.22 32.05 -0.42
C PRO A 4 -27.01 31.23 -0.90
N PHE A 5 -27.29 30.16 -1.64
CA PHE A 5 -26.21 29.37 -2.22
C PHE A 5 -25.39 30.20 -3.21
N GLY A 6 -26.06 31.00 -4.03
CA GLY A 6 -25.35 31.81 -5.01
C GLY A 6 -24.40 32.80 -4.37
N GLU A 7 -24.75 33.32 -3.19
CA GLU A 7 -23.89 34.26 -2.49
C GLU A 7 -22.51 33.67 -2.23
N VAL A 8 -22.42 32.35 -2.02
CA VAL A 8 -21.14 31.69 -1.80
C VAL A 8 -20.51 31.22 -3.10
N PHE A 9 -21.26 30.46 -3.91
CA PHE A 9 -20.68 29.86 -5.10
C PHE A 9 -20.25 30.92 -6.12
N ASN A 10 -21.15 31.84 -6.45
CA ASN A 10 -20.86 32.89 -7.42
C ASN A 10 -20.27 34.13 -6.79
N ALA A 11 -19.60 34.01 -5.65
CA ALA A 11 -18.96 35.16 -5.03
C ALA A 11 -17.80 35.64 -5.90
N THR A 12 -17.37 36.86 -5.64
CA THR A 12 -16.33 37.48 -6.46
C THR A 12 -14.98 36.81 -6.24
N ARG A 13 -14.43 36.95 -5.04
CA ARG A 13 -13.15 36.35 -4.68
C ARG A 13 -13.32 35.47 -3.44
N PHE A 14 -12.65 34.32 -3.45
CA PHE A 14 -12.67 33.42 -2.31
C PHE A 14 -11.49 33.68 -1.38
N ALA A 15 -11.65 33.28 -0.13
CA ALA A 15 -10.58 33.43 0.85
C ALA A 15 -9.48 32.40 0.61
N SER A 16 -8.34 32.63 1.25
CA SER A 16 -7.23 31.69 1.17
C SER A 16 -7.56 30.43 1.95
N VAL A 17 -6.88 29.34 1.59
CA VAL A 17 -7.19 28.03 2.18
C VAL A 17 -6.91 28.02 3.68
N TYR A 18 -5.80 28.64 4.10
CA TYR A 18 -5.48 28.66 5.52
C TYR A 18 -6.48 29.47 6.32
N ALA A 19 -6.94 30.59 5.76
CA ALA A 19 -7.96 31.41 6.40
C ALA A 19 -9.29 31.22 5.68
N TRP A 20 -9.77 29.98 5.63
CA TRP A 20 -10.98 29.68 4.88
C TRP A 20 -12.17 30.44 5.44
N ASN A 21 -13.13 30.74 4.57
CA ASN A 21 -14.31 31.50 4.92
C ASN A 21 -15.49 30.55 5.12
N ARG A 22 -16.08 30.60 6.31
CA ARG A 22 -17.27 29.79 6.62
C ARG A 22 -18.49 30.70 6.65
N LYS A 23 -19.52 30.31 5.90
CA LYS A 23 -20.78 31.04 5.86
C LYS A 23 -21.86 30.17 6.52
N ARG A 24 -22.40 30.65 7.64
CA ARG A 24 -23.48 29.93 8.29
C ARG A 24 -24.76 30.10 7.51
N ILE A 25 -25.39 28.99 7.14
CA ILE A 25 -26.61 29.00 6.33
C ILE A 25 -27.70 28.32 7.13
N SER A 26 -28.72 29.11 7.50
CA SER A 26 -29.85 28.59 8.26
C SER A 26 -31.01 29.53 8.04
N ASN A 27 -32.18 29.13 8.57
CA ASN A 27 -33.40 29.93 8.49
C ASN A 27 -33.78 30.24 7.04
N CYS A 28 -33.85 29.19 6.21
CA CYS A 28 -34.13 29.35 4.80
C CYS A 28 -34.49 28.01 4.20
N VAL A 29 -35.07 28.04 3.01
CA VAL A 29 -35.42 26.85 2.25
C VAL A 29 -34.23 26.44 1.39
N ALA A 30 -33.84 25.18 1.48
CA ALA A 30 -32.67 24.73 0.74
C ALA A 30 -33.02 24.53 -0.73
N ASP A 31 -32.03 24.76 -1.60
CA ASP A 31 -32.22 24.71 -3.04
C ASP A 31 -31.01 24.06 -3.72
N TYR A 32 -30.78 22.78 -3.41
CA TYR A 32 -29.68 22.05 -4.03
C TYR A 32 -29.88 21.79 -5.51
N SER A 33 -31.05 22.12 -6.06
CA SER A 33 -31.29 21.90 -7.49
C SER A 33 -30.28 22.65 -8.35
N VAL A 34 -29.85 23.83 -7.92
CA VAL A 34 -28.85 24.58 -8.67
C VAL A 34 -27.48 23.92 -8.59
N LEU A 35 -27.18 23.24 -7.47
CA LEU A 35 -25.83 22.71 -7.26
C LEU A 35 -25.48 21.58 -8.22
N TYR A 36 -26.25 20.48 -8.18
CA TYR A 36 -25.91 19.36 -9.07
C TYR A 36 -26.09 19.74 -10.53
N ASN A 37 -27.04 20.63 -10.84
CA ASN A 37 -27.32 21.04 -12.21
C ASN A 37 -26.41 22.20 -12.55
N SER A 38 -25.18 21.86 -12.97
CA SER A 38 -24.19 22.88 -13.35
C SER A 38 -23.18 22.32 -14.33
N ALA A 39 -22.74 21.08 -14.09
CA ALA A 39 -21.77 20.39 -14.96
C ALA A 39 -20.51 21.21 -15.19
N SER A 40 -20.24 22.17 -14.29
CA SER A 40 -19.01 22.96 -14.33
C SER A 40 -18.07 22.59 -13.20
N PHE A 41 -18.40 21.54 -12.44
CA PHE A 41 -17.63 21.14 -11.28
C PHE A 41 -16.70 19.99 -11.64
N SER A 42 -15.46 20.06 -11.14
CA SER A 42 -14.50 18.99 -11.35
C SER A 42 -14.71 17.86 -10.34
N THR A 43 -15.12 18.19 -9.13
CA THR A 43 -15.29 17.22 -8.05
C THR A 43 -16.59 17.49 -7.31
N PHE A 44 -17.30 16.41 -6.95
CA PHE A 44 -18.60 16.53 -6.27
C PHE A 44 -18.76 15.32 -5.34
N LYS A 45 -18.15 15.41 -4.16
CA LYS A 45 -18.18 14.35 -3.17
C LYS A 45 -19.21 14.69 -2.11
N CYS A 46 -20.21 13.82 -1.93
CA CYS A 46 -21.21 14.00 -0.89
C CYS A 46 -21.26 12.78 0.01
N TYR A 47 -20.93 12.96 1.29
CA TYR A 47 -20.87 11.88 2.27
C TYR A 47 -22.16 11.86 3.09
N GLY A 48 -22.73 10.68 3.25
CA GLY A 48 -23.98 10.53 3.99
C GLY A 48 -25.24 10.76 3.18
N VAL A 49 -25.19 11.67 2.21
CA VAL A 49 -26.34 12.04 1.39
C VAL A 49 -25.99 11.84 -0.08
N SER A 50 -26.94 11.34 -0.87
CA SER A 50 -26.55 11.25 -2.27
C SER A 50 -27.00 12.50 -3.04
N PRO A 51 -26.16 12.97 -3.98
CA PRO A 51 -26.52 14.16 -4.78
C PRO A 51 -27.73 13.98 -5.68
N THR A 52 -28.87 13.61 -5.10
CA THR A 52 -30.08 13.37 -5.88
C THR A 52 -31.30 13.72 -5.05
N LYS A 53 -31.32 13.27 -3.81
CA LYS A 53 -32.42 13.52 -2.89
C LYS A 53 -32.13 14.70 -1.97
N LEU A 54 -30.96 15.32 -2.12
CA LEU A 54 -30.56 16.44 -1.27
C LEU A 54 -31.64 17.53 -1.24
N ASN A 55 -32.25 17.80 -2.39
CA ASN A 55 -33.23 18.87 -2.49
C ASN A 55 -34.50 18.57 -1.70
N ASP A 56 -34.74 17.31 -1.33
CA ASP A 56 -35.94 16.93 -0.61
C ASP A 56 -35.58 16.37 0.76
N LEU A 57 -34.77 17.10 1.52
CA LEU A 57 -34.39 16.70 2.88
C LEU A 57 -34.34 17.93 3.77
N CYS A 58 -34.58 17.71 5.07
CA CYS A 58 -34.53 18.73 6.09
C CYS A 58 -33.20 18.65 6.85
N PHE A 59 -32.72 19.80 7.31
CA PHE A 59 -31.43 19.86 8.01
C PHE A 59 -31.52 20.81 9.19
N THR A 60 -30.88 20.42 10.30
CA THR A 60 -30.91 21.25 11.51
C THR A 60 -30.09 22.53 11.34
N ASN A 61 -28.79 22.37 11.05
CA ASN A 61 -27.90 23.51 10.87
C ASN A 61 -26.95 23.20 9.72
N VAL A 62 -26.60 24.22 8.95
CA VAL A 62 -25.79 24.05 7.75
C VAL A 62 -24.67 25.09 7.73
N TYR A 63 -23.46 24.64 7.42
CA TYR A 63 -22.28 25.50 7.29
C TYR A 63 -21.68 25.30 5.91
N ALA A 64 -21.31 26.41 5.27
CA ALA A 64 -20.75 26.41 3.92
C ALA A 64 -19.35 27.04 3.94
N ASP A 65 -18.34 26.19 4.07
CA ASP A 65 -16.95 26.65 4.03
C ASP A 65 -16.47 26.75 2.59
N SER A 66 -15.52 27.67 2.37
CA SER A 66 -15.02 27.93 1.02
C SER A 66 -13.59 28.42 1.09
N PHE A 67 -12.82 28.11 0.05
CA PHE A 67 -11.41 28.50 -0.06
C PHE A 67 -10.93 28.12 -1.46
N VAL A 68 -9.63 28.28 -1.72
CA VAL A 68 -9.03 28.01 -3.02
C VAL A 68 -7.73 27.26 -2.83
N ILE A 69 -7.57 26.13 -3.53
CA ILE A 69 -6.35 25.34 -3.52
C ILE A 69 -5.96 25.04 -4.96
N ARG A 70 -4.87 24.30 -5.13
CA ARG A 70 -4.47 23.86 -6.46
C ARG A 70 -5.13 22.52 -6.79
N GLY A 71 -5.07 22.15 -8.07
CA GLY A 71 -5.78 20.98 -8.56
C GLY A 71 -5.40 19.69 -7.84
N ASP A 72 -4.09 19.41 -7.76
CA ASP A 72 -3.64 18.16 -7.17
C ASP A 72 -4.14 17.97 -5.74
N GLU A 73 -4.28 19.06 -4.99
CA GLU A 73 -4.67 18.98 -3.58
C GLU A 73 -6.17 18.93 -3.35
N VAL A 74 -6.98 18.83 -4.41
CA VAL A 74 -8.42 18.74 -4.22
C VAL A 74 -8.79 17.42 -3.55
N ARG A 75 -8.07 16.34 -3.88
CA ARG A 75 -8.36 15.02 -3.32
C ARG A 75 -8.26 15.00 -1.79
N GLN A 76 -7.40 15.83 -1.20
CA GLN A 76 -7.20 15.86 0.24
C GLN A 76 -8.37 16.49 1.00
N ILE A 77 -9.34 17.07 0.30
CA ILE A 77 -10.51 17.65 0.96
C ILE A 77 -11.54 16.55 1.12
N ALA A 78 -11.25 15.58 2.01
CA ALA A 78 -12.09 14.43 2.25
C ALA A 78 -11.89 13.93 3.68
N PRO A 79 -12.96 13.52 4.37
CA PRO A 79 -12.81 13.04 5.75
C PRO A 79 -11.86 11.86 5.82
N GLY A 80 -10.74 12.05 6.52
CA GLY A 80 -9.74 11.02 6.70
C GLY A 80 -8.47 11.26 5.90
N GLN A 81 -8.60 11.87 4.72
CA GLN A 81 -7.43 12.17 3.90
C GLN A 81 -6.44 13.02 4.68
N THR A 82 -5.16 12.83 4.37
CA THR A 82 -4.10 13.55 5.06
C THR A 82 -3.11 14.11 4.04
N GLY A 83 -2.31 15.05 4.51
CA GLY A 83 -1.29 15.69 3.68
C GLY A 83 -0.86 17.00 4.31
N LYS A 84 -0.55 18.00 3.47
CA LYS A 84 -0.21 19.33 4.04
C LYS A 84 -1.48 20.19 4.11
N ILE A 85 -2.48 19.87 3.29
CA ILE A 85 -3.70 20.68 3.25
C ILE A 85 -4.72 20.16 4.26
N ALA A 86 -4.92 18.85 4.30
CA ALA A 86 -5.89 18.28 5.23
C ALA A 86 -5.40 18.24 6.67
N ASP A 87 -4.13 18.59 6.92
CA ASP A 87 -3.59 18.56 8.26
C ASP A 87 -3.19 19.93 8.81
N TYR A 88 -2.87 20.88 7.93
CA TYR A 88 -2.40 22.20 8.36
C TYR A 88 -3.29 23.34 7.88
N ASN A 89 -4.30 23.06 7.06
CA ASN A 89 -5.09 24.12 6.47
C ASN A 89 -6.58 23.89 6.70
N TYR A 90 -7.10 22.77 6.22
CA TYR A 90 -8.52 22.47 6.35
C TYR A 90 -8.69 20.98 6.60
N LYS A 91 -9.09 20.61 7.80
CA LYS A 91 -9.42 19.24 8.16
C LYS A 91 -10.91 19.10 8.35
N LEU A 92 -11.50 18.05 7.74
CA LEU A 92 -12.91 17.74 7.90
C LEU A 92 -13.11 16.73 9.01
N PRO A 93 -14.23 16.81 9.72
CA PRO A 93 -14.52 15.82 10.76
C PRO A 93 -14.78 14.45 10.14
N ASP A 94 -14.38 13.41 10.87
CA ASP A 94 -14.54 12.03 10.42
C ASP A 94 -15.99 11.56 10.42
N ASP A 95 -16.95 12.41 10.80
CA ASP A 95 -18.37 12.09 10.71
C ASP A 95 -19.06 13.09 9.81
N PHE A 96 -18.43 13.43 8.69
CA PHE A 96 -18.88 14.53 7.83
C PHE A 96 -20.15 14.15 7.10
N THR A 97 -21.27 14.71 7.51
CA THR A 97 -22.53 14.57 6.76
C THR A 97 -22.69 15.83 5.93
N GLY A 98 -22.24 15.76 4.68
CA GLY A 98 -22.31 16.92 3.82
C GLY A 98 -21.80 16.65 2.42
N CYS A 99 -21.35 17.72 1.76
CA CYS A 99 -20.85 17.65 0.38
C CYS A 99 -19.55 18.44 0.26
N VAL A 100 -18.73 18.01 -0.70
CA VAL A 100 -17.46 18.66 -1.02
C VAL A 100 -17.51 18.99 -2.50
N ILE A 101 -17.87 20.24 -2.83
CA ILE A 101 -18.01 20.70 -4.20
C ILE A 101 -16.79 21.51 -4.59
N ALA A 102 -16.29 21.29 -5.80
CA ALA A 102 -15.09 21.97 -6.26
C ALA A 102 -15.11 22.05 -7.79
N TRP A 103 -14.55 23.13 -8.32
CA TRP A 103 -14.53 23.36 -9.76
C TRP A 103 -13.25 24.10 -10.13
N ASN A 104 -12.81 23.91 -11.36
CA ASN A 104 -11.64 24.62 -11.84
C ASN A 104 -11.91 26.12 -11.88
N SER A 105 -10.83 26.91 -11.82
CA SER A 105 -10.97 28.36 -11.76
C SER A 105 -9.69 29.06 -12.18
N ASN A 106 -9.07 28.61 -13.26
CA ASN A 106 -7.86 29.28 -13.74
C ASN A 106 -8.17 30.65 -14.35
N ASN A 107 -9.43 30.91 -14.70
CA ASN A 107 -9.80 32.20 -15.26
C ASN A 107 -9.89 33.26 -14.17
N LEU A 108 -10.45 32.93 -13.01
CA LEU A 108 -10.67 33.92 -11.96
C LEU A 108 -9.46 34.11 -11.06
N ASP A 109 -8.85 33.02 -10.59
CA ASP A 109 -7.81 33.10 -9.57
C ASP A 109 -6.41 32.95 -10.14
N SER A 110 -6.19 33.40 -11.37
CA SER A 110 -4.88 33.41 -11.98
C SER A 110 -4.66 34.76 -12.64
N LYS A 111 -3.64 35.49 -12.18
CA LYS A 111 -3.31 36.79 -12.74
C LYS A 111 -2.31 36.62 -13.87
N VAL A 112 -2.42 37.51 -14.87
CA VAL A 112 -1.64 37.39 -16.09
C VAL A 112 -0.15 37.24 -15.78
N GLY A 113 0.34 38.00 -14.80
CA GLY A 113 1.72 37.85 -14.35
C GLY A 113 1.94 36.77 -13.31
N GLY A 114 0.88 36.23 -12.72
CA GLY A 114 1.01 35.26 -11.66
C GLY A 114 0.45 35.77 -10.35
N ASN A 115 -0.66 35.19 -9.89
CA ASN A 115 -1.32 35.62 -8.66
C ASN A 115 -0.67 34.96 -7.45
N TYR A 116 0.04 35.74 -6.65
CA TYR A 116 0.71 35.27 -5.44
C TYR A 116 0.01 35.79 -4.18
N ASN A 117 -1.32 35.79 -4.21
CA ASN A 117 -2.13 36.28 -3.11
C ASN A 117 -2.84 35.17 -2.32
N TYR A 118 -3.00 33.98 -2.91
CA TYR A 118 -3.54 32.83 -2.21
C TYR A 118 -2.40 32.08 -1.51
N LEU A 119 -2.54 31.89 -0.20
CA LEU A 119 -1.47 31.33 0.62
C LEU A 119 -1.96 30.10 1.36
N TYR A 120 -1.05 29.16 1.58
CA TYR A 120 -1.32 27.96 2.38
C TYR A 120 -0.30 27.89 3.50
N ARG A 121 -0.55 26.98 4.44
CA ARG A 121 0.31 26.76 5.57
C ARG A 121 1.22 25.58 5.29
N LEU A 122 2.53 25.80 5.33
CA LEU A 122 3.50 24.76 5.04
C LEU A 122 3.97 24.04 6.30
N PHE A 123 4.45 24.79 7.28
CA PHE A 123 4.92 24.21 8.54
C PHE A 123 3.90 24.45 9.64
N ARG A 124 3.66 23.41 10.44
CA ARG A 124 2.88 23.54 11.66
C ARG A 124 3.26 22.37 12.57
N LYS A 125 3.47 22.67 13.86
CA LYS A 125 4.00 21.66 14.78
C LYS A 125 3.05 20.48 14.94
N SER A 126 1.76 20.68 14.72
CA SER A 126 0.78 19.62 14.88
C SER A 126 -0.30 19.74 13.82
N ASN A 127 -1.07 18.67 13.65
CA ASN A 127 -2.20 18.68 12.74
C ASN A 127 -3.30 19.59 13.30
N LEU A 128 -4.23 19.96 12.44
CA LEU A 128 -5.39 20.74 12.85
C LEU A 128 -6.46 19.85 13.45
N LYS A 129 -7.28 20.44 14.32
CA LYS A 129 -8.48 19.78 14.81
C LYS A 129 -9.59 19.95 13.78
N PRO A 130 -10.64 19.10 13.84
CA PRO A 130 -11.77 19.24 12.91
C PRO A 130 -12.30 20.66 12.81
N PHE A 131 -12.29 21.23 11.61
CA PHE A 131 -12.79 22.58 11.34
C PHE A 131 -11.98 23.63 12.12
N GLU A 132 -10.66 23.57 11.99
CA GLU A 132 -9.78 24.55 12.61
C GLU A 132 -9.22 25.51 11.56
N ARG A 133 -9.01 26.75 11.96
CA ARG A 133 -8.51 27.81 11.09
C ARG A 133 -7.36 28.50 11.80
N ASP A 134 -6.13 28.21 11.37
CA ASP A 134 -4.93 28.78 11.98
C ASP A 134 -4.55 30.04 11.21
N ILE A 135 -4.81 31.19 11.82
CA ILE A 135 -4.53 32.47 11.18
C ILE A 135 -3.27 33.09 11.80
N SER A 136 -2.33 32.25 12.20
CA SER A 136 -1.10 32.71 12.83
C SER A 136 0.02 32.82 11.81
N THR A 137 0.81 33.88 11.92
CA THR A 137 2.00 34.05 11.08
C THR A 137 3.29 34.00 11.88
N GLU A 138 3.26 33.42 13.07
CA GLU A 138 4.46 33.31 13.91
C GLU A 138 5.54 32.53 13.17
N ILE A 139 6.70 33.17 12.98
CA ILE A 139 7.82 32.55 12.26
C ILE A 139 8.11 31.17 12.85
N TYR A 140 8.12 30.16 11.98
CA TYR A 140 8.22 28.77 12.43
C TYR A 140 9.62 28.47 12.98
N GLN A 141 9.66 27.94 14.20
CA GLN A 141 10.91 27.56 14.86
C GLN A 141 11.17 26.09 14.58
N ALA A 142 11.96 25.83 13.53
CA ALA A 142 12.24 24.47 13.10
C ALA A 142 13.42 23.85 13.84
N GLY A 143 13.76 24.38 15.01
CA GLY A 143 14.85 23.87 15.81
C GLY A 143 14.62 24.20 17.26
N SER A 144 15.71 24.41 17.99
CA SER A 144 15.64 24.78 19.40
C SER A 144 16.06 26.21 19.67
N THR A 145 16.66 26.89 18.69
CA THR A 145 17.05 28.28 18.87
C THR A 145 15.85 29.20 18.72
N PRO A 146 15.60 30.10 19.67
CA PRO A 146 14.44 31.00 19.55
C PRO A 146 14.62 31.95 18.38
N CYS A 147 13.58 32.08 17.56
CA CYS A 147 13.68 32.95 16.39
C CYS A 147 13.52 34.42 16.75
N ASN A 148 12.67 34.71 17.74
CA ASN A 148 12.43 36.08 18.19
C ASN A 148 12.03 36.99 17.03
N GLY A 149 11.09 36.49 16.21
CA GLY A 149 10.57 37.25 15.09
C GLY A 149 11.48 37.38 13.89
N VAL A 150 12.75 37.02 14.00
CA VAL A 150 13.69 37.17 12.88
C VAL A 150 13.67 35.91 12.01
N GLU A 151 13.91 36.11 10.72
CA GLU A 151 14.02 35.02 9.78
C GLU A 151 15.44 34.43 9.82
N GLY A 152 15.61 33.29 9.17
CA GLY A 152 16.89 32.64 9.08
C GLY A 152 16.73 31.14 9.12
N PHE A 153 17.86 30.46 9.28
CA PHE A 153 17.88 29.00 9.36
C PHE A 153 17.07 28.54 10.58
N ASN A 154 16.25 27.50 10.36
CA ASN A 154 15.31 27.00 11.38
C ASN A 154 14.41 28.11 11.89
N CYS A 155 14.13 29.09 11.02
CA CYS A 155 13.24 30.22 11.31
C CYS A 155 12.55 30.59 9.99
N TYR A 156 11.50 29.84 9.67
CA TYR A 156 10.80 29.94 8.40
C TYR A 156 9.41 30.52 8.59
N PHE A 157 8.89 31.10 7.51
CA PHE A 157 7.54 31.65 7.53
C PHE A 157 6.52 30.52 7.40
N PRO A 158 5.58 30.37 8.35
CA PRO A 158 4.69 29.21 8.32
C PRO A 158 3.75 29.18 7.14
N LEU A 159 3.72 30.21 6.31
CA LEU A 159 2.80 30.27 5.18
C LEU A 159 3.58 30.51 3.90
N GLN A 160 3.30 29.70 2.88
CA GLN A 160 3.86 29.90 1.56
C GLN A 160 2.75 30.32 0.60
N SER A 161 3.15 30.99 -0.48
CA SER A 161 2.20 31.54 -1.43
C SER A 161 2.02 30.61 -2.62
N TYR A 162 0.78 30.42 -3.04
CA TYR A 162 0.50 29.63 -4.23
C TYR A 162 1.05 30.34 -5.47
N GLY A 163 1.95 29.68 -6.18
CA GLY A 163 2.44 30.21 -7.43
C GLY A 163 1.43 30.08 -8.55
N PHE A 164 0.28 30.75 -8.41
CA PHE A 164 -0.82 30.58 -9.37
C PHE A 164 -0.49 31.36 -10.64
N GLN A 165 -0.09 30.64 -11.67
CA GLN A 165 0.18 31.23 -12.97
C GLN A 165 -0.64 30.52 -14.04
N PRO A 166 -1.11 31.24 -15.05
CA PRO A 166 -1.94 30.61 -16.10
C PRO A 166 -1.22 29.51 -16.86
N THR A 167 0.12 29.53 -16.89
CA THR A 167 0.88 28.51 -17.58
C THR A 167 0.98 27.21 -16.77
N ASN A 168 0.72 27.27 -15.46
CA ASN A 168 0.83 26.10 -14.60
C ASN A 168 0.00 24.94 -15.14
N GLY A 169 0.42 23.73 -14.77
CA GLY A 169 -0.30 22.54 -15.15
C GLY A 169 -1.66 22.44 -14.50
N VAL A 170 -2.42 21.43 -14.91
CA VAL A 170 -3.78 21.23 -14.41
C VAL A 170 -3.77 21.10 -12.90
N GLY A 171 -2.86 20.29 -12.36
CA GLY A 171 -2.74 20.14 -10.92
C GLY A 171 -2.30 21.39 -10.21
N TYR A 172 -1.70 22.34 -10.94
CA TYR A 172 -1.23 23.59 -10.35
C TYR A 172 -2.13 24.77 -10.73
N GLN A 173 -3.35 24.51 -11.14
CA GLN A 173 -4.28 25.59 -11.41
C GLN A 173 -5.27 25.74 -10.25
N PRO A 174 -5.68 26.96 -9.95
CA PRO A 174 -6.57 27.17 -8.78
C PRO A 174 -7.92 26.52 -9.00
N TYR A 175 -8.32 25.70 -8.03
CA TYR A 175 -9.65 25.11 -7.99
C TYR A 175 -10.39 25.66 -6.77
N ARG A 176 -11.53 26.30 -7.00
CA ARG A 176 -12.34 26.82 -5.91
C ARG A 176 -13.15 25.71 -5.27
N VAL A 177 -13.29 25.77 -3.95
CA VAL A 177 -13.93 24.72 -3.17
C VAL A 177 -15.06 25.34 -2.35
N VAL A 178 -16.16 24.61 -2.24
CA VAL A 178 -17.25 24.96 -1.32
C VAL A 178 -17.69 23.68 -0.63
N VAL A 179 -17.53 23.61 0.69
CA VAL A 179 -17.83 22.42 1.48
C VAL A 179 -19.07 22.69 2.32
N LEU A 180 -20.14 21.96 2.04
CA LEU A 180 -21.41 22.10 2.74
C LEU A 180 -21.49 21.10 3.89
N SER A 181 -21.43 21.61 5.12
CA SER A 181 -21.73 20.80 6.31
C SER A 181 -23.25 20.75 6.44
N PHE A 182 -23.83 19.56 6.32
CA PHE A 182 -25.29 19.49 6.15
C PHE A 182 -26.06 19.37 7.45
N GLU A 183 -25.75 18.39 8.30
CA GLU A 183 -26.55 18.27 9.50
C GLU A 183 -25.72 17.77 10.66
N LEU A 184 -26.11 18.18 11.87
CA LEU A 184 -25.52 17.74 13.12
C LEU A 184 -26.57 17.84 14.23
N LEU A 185 -26.09 18.04 15.46
CA LEU A 185 -26.93 18.16 16.66
C LEU A 185 -28.09 17.17 16.70
N PRO A 188 -32.89 23.10 16.56
CA PRO A 188 -34.13 23.08 15.78
C PRO A 188 -33.91 22.63 14.33
N ALA A 189 -34.71 23.16 13.42
CA ALA A 189 -34.58 22.87 12.00
C ALA A 189 -35.15 24.03 11.19
N THR A 190 -34.58 24.24 10.01
CA THR A 190 -35.06 25.29 9.11
C THR A 190 -34.68 25.00 7.68
N VAL A 191 -33.42 24.63 7.44
CA VAL A 191 -32.93 24.33 6.11
C VAL A 191 -33.64 23.09 5.60
N CYS A 192 -34.81 23.27 4.99
CA CYS A 192 -35.59 22.16 4.47
C CYS A 192 -35.71 22.27 2.96
N GLY A 193 -36.24 21.20 2.37
CA GLY A 193 -36.42 21.09 0.94
C GLY A 193 -37.86 21.04 0.49
N PRO A 194 -38.60 20.01 0.93
CA PRO A 194 -39.99 19.87 0.46
C PRO A 194 -40.87 21.08 0.73
N LYS A 195 -40.73 21.71 1.89
CA LYS A 195 -41.54 22.87 2.22
C LYS A 195 -41.25 24.06 1.30
N ASN B 1 1.95 -6.14 56.17
CA ASN B 1 2.50 -6.21 54.83
C ASN B 1 1.44 -5.87 53.80
N LEU B 2 1.66 -4.78 53.04
CA LEU B 2 0.71 -4.34 52.03
C LEU B 2 1.02 -5.04 50.71
N CYS B 3 0.01 -5.67 50.13
CA CYS B 3 0.20 -6.32 48.83
C CYS B 3 0.53 -5.27 47.76
N PRO B 4 1.52 -5.53 46.91
CA PRO B 4 1.93 -4.52 45.91
C PRO B 4 0.97 -4.46 44.72
N PHE B 5 -0.28 -4.11 44.99
CA PHE B 5 -1.24 -3.91 43.92
C PHE B 5 -0.83 -2.73 43.05
N GLY B 6 -0.32 -1.66 43.67
CA GLY B 6 0.03 -0.46 42.95
C GLY B 6 1.11 -0.67 41.90
N GLU B 7 2.06 -1.57 42.17
CA GLU B 7 3.10 -1.86 41.18
C GLU B 7 2.51 -2.32 39.86
N VAL B 8 1.37 -2.99 39.89
CA VAL B 8 0.71 -3.45 38.68
C VAL B 8 -0.18 -2.36 38.09
N PHE B 9 -1.05 -1.77 38.92
CA PHE B 9 -1.99 -0.77 38.42
C PHE B 9 -1.27 0.47 37.91
N ASN B 10 -0.37 1.03 38.73
CA ASN B 10 0.33 2.26 38.40
C ASN B 10 1.64 2.02 37.65
N ALA B 11 1.77 0.89 36.95
CA ALA B 11 3.00 0.64 36.23
C ALA B 11 3.15 1.59 35.05
N THR B 12 4.39 1.69 34.57
CA THR B 12 4.74 2.61 33.48
C THR B 12 4.21 2.10 32.15
N ARG B 13 4.77 0.98 31.69
CA ARG B 13 4.36 0.36 30.43
C ARG B 13 3.92 -1.07 30.68
N PHE B 14 2.81 -1.45 30.04
CA PHE B 14 2.29 -2.80 30.12
C PHE B 14 2.78 -3.63 28.94
N ALA B 15 2.78 -4.94 29.13
CA ALA B 15 3.13 -5.84 28.05
C ALA B 15 1.95 -5.96 27.08
N SER B 16 2.23 -6.52 25.90
CA SER B 16 1.17 -6.71 24.93
C SER B 16 0.19 -7.78 25.44
N VAL B 17 -1.03 -7.74 24.89
CA VAL B 17 -2.07 -8.64 25.36
C VAL B 17 -1.70 -10.10 25.10
N TYR B 18 -1.05 -10.38 23.96
CA TYR B 18 -0.68 -11.75 23.64
C TYR B 18 0.36 -12.29 24.62
N ALA B 19 1.33 -11.45 24.99
CA ALA B 19 2.36 -11.82 25.96
C ALA B 19 2.09 -11.12 27.28
N TRP B 20 0.92 -11.37 27.86
CA TRP B 20 0.51 -10.67 29.07
C TRP B 20 1.44 -10.98 30.23
N ASN B 21 1.56 -10.00 31.14
CA ASN B 21 2.46 -10.11 32.29
C ASN B 21 1.64 -10.50 33.51
N ARG B 22 2.01 -11.63 34.12
CA ARG B 22 1.35 -12.14 35.32
C ARG B 22 2.25 -11.89 36.51
N LYS B 23 1.72 -11.22 37.52
CA LYS B 23 2.44 -10.95 38.77
C LYS B 23 1.75 -11.69 39.90
N ARG B 24 2.46 -12.62 40.51
CA ARG B 24 1.93 -13.35 41.67
C ARG B 24 1.96 -12.45 42.90
N ILE B 25 0.81 -12.35 43.58
CA ILE B 25 0.66 -11.49 44.74
C ILE B 25 0.35 -12.38 45.93
N SER B 26 1.28 -12.44 46.89
CA SER B 26 1.10 -13.29 48.07
C SER B 26 1.97 -12.76 49.20
N ASN B 27 1.82 -13.39 50.37
CA ASN B 27 2.60 -13.07 51.56
C ASN B 27 2.40 -11.60 51.96
N CYS B 28 1.15 -11.18 52.02
CA CYS B 28 0.84 -9.79 52.32
C CYS B 28 -0.66 -9.67 52.60
N VAL B 29 -1.03 -8.55 53.24
CA VAL B 29 -2.43 -8.20 53.43
C VAL B 29 -2.86 -7.29 52.29
N ALA B 30 -3.96 -7.65 51.64
CA ALA B 30 -4.48 -6.93 50.48
C ALA B 30 -5.27 -5.70 50.91
N ASP B 31 -5.42 -4.77 49.97
CA ASP B 31 -6.09 -3.48 50.21
C ASP B 31 -7.05 -3.19 49.06
N TYR B 32 -8.08 -4.04 48.95
CA TYR B 32 -9.08 -3.87 47.90
C TYR B 32 -9.93 -2.62 48.11
N SER B 33 -9.86 -2.00 49.28
CA SER B 33 -10.66 -0.79 49.53
C SER B 33 -10.27 0.35 48.60
N VAL B 34 -8.98 0.45 48.26
CA VAL B 34 -8.53 1.50 47.35
C VAL B 34 -9.10 1.28 45.96
N LEU B 35 -9.29 0.02 45.57
CA LEU B 35 -9.80 -0.28 44.23
C LEU B 35 -11.23 0.23 44.08
N TYR B 36 -12.12 -0.15 45.00
CA TYR B 36 -13.50 0.32 44.92
C TYR B 36 -13.59 1.83 45.03
N ASN B 37 -12.71 2.45 45.81
CA ASN B 37 -12.77 3.89 46.05
C ASN B 37 -12.05 4.73 45.02
N SER B 38 -11.16 4.13 44.22
CA SER B 38 -10.44 4.91 43.21
C SER B 38 -11.41 5.53 42.22
N ALA B 39 -12.42 4.77 41.79
CA ALA B 39 -13.48 5.25 40.88
C ALA B 39 -12.90 5.88 39.61
N SER B 40 -11.68 5.51 39.23
CA SER B 40 -11.05 5.99 38.00
C SER B 40 -10.99 4.92 36.92
N PHE B 41 -11.63 3.77 37.15
CA PHE B 41 -11.57 2.64 36.23
C PHE B 41 -12.78 2.65 35.31
N SER B 42 -12.55 2.30 34.05
CA SER B 42 -13.64 2.27 33.08
C SER B 42 -14.51 1.03 33.24
N THR B 43 -13.90 -0.10 33.57
CA THR B 43 -14.63 -1.35 33.75
C THR B 43 -14.08 -2.06 34.97
N PHE B 44 -15.00 -2.60 35.79
CA PHE B 44 -14.63 -3.22 37.06
C PHE B 44 -15.60 -4.37 37.30
N LYS B 45 -15.31 -5.51 36.67
CA LYS B 45 -16.16 -6.69 36.75
C LYS B 45 -15.52 -7.71 37.68
N CYS B 46 -16.25 -8.09 38.74
CA CYS B 46 -15.85 -9.14 39.66
C CYS B 46 -16.95 -10.18 39.63
N TYR B 47 -16.62 -11.38 39.16
CA TYR B 47 -17.63 -12.41 38.87
C TYR B 47 -17.78 -13.41 40.01
N GLY B 48 -16.72 -14.14 40.33
CA GLY B 48 -16.82 -15.18 41.34
C GLY B 48 -17.03 -14.67 42.74
N VAL B 49 -16.45 -13.51 43.07
CA VAL B 49 -16.51 -12.97 44.42
C VAL B 49 -17.18 -11.61 44.39
N SER B 50 -18.03 -11.36 45.38
CA SER B 50 -18.81 -10.19 45.70
C SER B 50 -18.04 -9.30 46.68
N PRO B 51 -18.23 -7.97 46.59
CA PRO B 51 -17.52 -7.07 47.51
C PRO B 51 -17.84 -7.29 48.98
N THR B 52 -18.78 -8.20 49.30
CA THR B 52 -19.14 -8.40 50.69
C THR B 52 -18.01 -9.04 51.47
N LYS B 53 -17.47 -10.15 50.97
CA LYS B 53 -16.40 -10.89 51.64
C LYS B 53 -15.02 -10.71 51.01
N LEU B 54 -14.91 -9.98 49.90
CA LEU B 54 -13.62 -9.86 49.22
C LEU B 54 -12.51 -9.39 50.17
N ASN B 55 -12.80 -8.37 50.98
CA ASN B 55 -11.78 -7.85 51.89
C ASN B 55 -11.50 -8.78 53.06
N ASP B 56 -12.44 -9.67 53.42
CA ASP B 56 -12.27 -10.51 54.59
C ASP B 56 -12.32 -12.00 54.28
N LEU B 57 -11.52 -12.48 53.35
CA LEU B 57 -11.45 -13.90 53.05
C LEU B 57 -9.99 -14.28 52.81
N CYS B 58 -9.67 -15.54 53.08
CA CYS B 58 -8.32 -16.05 52.89
C CYS B 58 -8.21 -16.81 51.57
N PHE B 59 -7.06 -16.68 50.91
CA PHE B 59 -6.79 -17.31 49.64
C PHE B 59 -5.33 -17.74 49.62
N THR B 60 -5.07 -18.90 48.99
CA THR B 60 -3.70 -19.41 48.92
C THR B 60 -2.82 -18.49 48.08
N ASN B 61 -3.24 -18.23 46.83
CA ASN B 61 -2.47 -17.38 45.94
C ASN B 61 -3.43 -16.52 45.12
N VAL B 62 -2.94 -15.32 44.77
CA VAL B 62 -3.68 -14.36 43.97
C VAL B 62 -2.74 -13.88 42.88
N TYR B 63 -3.24 -13.80 41.65
CA TYR B 63 -2.44 -13.43 40.50
C TYR B 63 -3.00 -12.16 39.87
N ALA B 64 -2.11 -11.25 39.49
CA ALA B 64 -2.48 -9.96 38.90
C ALA B 64 -1.89 -9.91 37.50
N ASP B 65 -2.68 -10.33 36.52
CA ASP B 65 -2.28 -10.26 35.12
C ASP B 65 -2.59 -8.87 34.57
N SER B 66 -1.77 -8.44 33.61
CA SER B 66 -1.92 -7.09 33.10
C SER B 66 -1.47 -7.02 31.64
N PHE B 67 -2.15 -6.18 30.88
CA PHE B 67 -1.91 -5.98 29.44
C PHE B 67 -2.77 -4.80 29.00
N VAL B 68 -2.78 -4.53 27.70
CA VAL B 68 -3.51 -3.41 27.12
C VAL B 68 -4.26 -3.89 25.89
N ILE B 69 -5.56 -3.59 25.84
CA ILE B 69 -6.41 -3.92 24.72
C ILE B 69 -7.21 -2.68 24.31
N ARG B 70 -8.07 -2.83 23.31
CA ARG B 70 -8.96 -1.77 22.89
C ARG B 70 -10.26 -1.83 23.68
N GLY B 71 -11.01 -0.72 23.62
CA GLY B 71 -12.23 -0.63 24.40
C GLY B 71 -13.23 -1.72 24.04
N ASP B 72 -13.55 -1.82 22.74
CA ASP B 72 -14.48 -2.84 22.29
C ASP B 72 -14.02 -4.23 22.69
N GLU B 73 -12.70 -4.45 22.76
CA GLU B 73 -12.17 -5.77 23.07
C GLU B 73 -12.12 -6.03 24.57
N VAL B 74 -12.61 -5.11 25.40
CA VAL B 74 -12.65 -5.36 26.84
C VAL B 74 -13.69 -6.43 27.16
N ARG B 75 -14.79 -6.45 26.42
CA ARG B 75 -15.86 -7.43 26.68
C ARG B 75 -15.34 -8.86 26.60
N GLN B 76 -14.33 -9.10 25.75
CA GLN B 76 -13.82 -10.45 25.62
C GLN B 76 -13.01 -10.89 26.83
N ILE B 77 -12.69 -9.97 27.74
CA ILE B 77 -12.04 -10.32 28.99
C ILE B 77 -13.13 -10.59 30.02
N ALA B 78 -13.89 -11.66 29.81
CA ALA B 78 -14.99 -12.04 30.65
C ALA B 78 -15.19 -13.55 30.56
N PRO B 79 -15.49 -14.22 31.66
CA PRO B 79 -15.72 -15.67 31.61
C PRO B 79 -16.88 -16.02 30.69
N GLY B 80 -16.57 -16.75 29.61
CA GLY B 80 -17.56 -17.20 28.65
C GLY B 80 -17.51 -16.48 27.32
N GLN B 81 -17.15 -15.19 27.34
CA GLN B 81 -17.06 -14.43 26.10
C GLN B 81 -16.07 -15.06 25.13
N THR B 82 -16.33 -14.86 23.84
CA THR B 82 -15.48 -15.37 22.77
C THR B 82 -15.21 -14.24 21.79
N GLY B 83 -14.18 -14.45 20.98
CA GLY B 83 -13.81 -13.45 20.00
C GLY B 83 -12.40 -13.64 19.48
N LYS B 84 -11.72 -12.53 19.19
CA LYS B 84 -10.34 -12.60 18.73
C LYS B 84 -9.35 -12.49 19.87
N ILE B 85 -9.79 -12.06 21.05
CA ILE B 85 -8.93 -11.97 22.23
C ILE B 85 -9.14 -13.14 23.18
N ALA B 86 -10.39 -13.50 23.44
CA ALA B 86 -10.70 -14.61 24.33
C ALA B 86 -10.36 -15.95 23.73
N ASP B 87 -9.91 -15.98 22.48
CA ASP B 87 -9.56 -17.22 21.82
C ASP B 87 -8.09 -17.30 21.45
N TYR B 88 -7.43 -16.18 21.20
CA TYR B 88 -6.05 -16.20 20.73
C TYR B 88 -5.07 -15.44 21.62
N ASN B 89 -5.55 -14.70 22.63
CA ASN B 89 -4.66 -13.82 23.38
C ASN B 89 -4.76 -14.02 24.88
N TYR B 90 -5.94 -13.82 25.45
CA TYR B 90 -6.16 -13.99 26.89
C TYR B 90 -7.56 -14.55 27.10
N LYS B 91 -7.64 -15.81 27.51
CA LYS B 91 -8.91 -16.42 27.86
C LYS B 91 -8.97 -16.68 29.35
N LEU B 92 -10.08 -16.29 29.96
CA LEU B 92 -10.42 -16.48 31.35
C LEU B 92 -11.25 -17.75 31.51
N PRO B 93 -11.13 -18.44 32.64
CA PRO B 93 -11.93 -19.65 32.85
C PRO B 93 -13.41 -19.32 32.96
N ASP B 94 -14.24 -20.25 32.48
CA ASP B 94 -15.68 -20.05 32.55
C ASP B 94 -16.22 -20.12 33.97
N ASP B 95 -15.35 -20.38 34.95
CA ASP B 95 -15.69 -20.33 36.36
C ASP B 95 -14.76 -19.34 37.05
N PHE B 96 -14.56 -18.18 36.45
CA PHE B 96 -13.56 -17.23 36.91
C PHE B 96 -14.01 -16.63 38.23
N THR B 97 -13.35 -17.03 39.32
CA THR B 97 -13.56 -16.43 40.64
C THR B 97 -12.46 -15.39 40.83
N GLY B 98 -12.76 -14.15 40.45
CA GLY B 98 -11.80 -13.08 40.54
C GLY B 98 -12.37 -11.75 40.10
N CYS B 99 -11.51 -10.83 39.64
CA CYS B 99 -11.95 -9.52 39.22
C CYS B 99 -11.29 -9.16 37.90
N VAL B 100 -11.98 -8.35 37.11
CA VAL B 100 -11.48 -7.86 35.83
C VAL B 100 -11.52 -6.34 35.90
N ILE B 101 -10.38 -5.73 36.20
CA ILE B 101 -10.26 -4.29 36.33
C ILE B 101 -9.64 -3.73 35.06
N ALA B 102 -10.19 -2.62 34.58
CA ALA B 102 -9.72 -2.01 33.35
C ALA B 102 -10.04 -0.51 33.39
N TRP B 103 -9.16 0.27 32.76
CA TRP B 103 -9.30 1.72 32.72
C TRP B 103 -8.73 2.24 31.40
N ASN B 104 -9.26 3.37 30.96
CA ASN B 104 -8.78 3.99 29.74
C ASN B 104 -7.32 4.40 29.90
N SER B 105 -6.64 4.57 28.76
CA SER B 105 -5.21 4.88 28.79
C SER B 105 -4.71 5.53 27.50
N ASN B 106 -5.49 6.45 26.93
CA ASN B 106 -5.07 7.12 25.71
C ASN B 106 -3.97 8.14 25.95
N ASN B 107 -3.75 8.56 27.20
CA ASN B 107 -2.75 9.60 27.46
C ASN B 107 -1.33 9.04 27.38
N LEU B 108 -1.09 7.86 27.95
CA LEU B 108 0.27 7.30 27.96
C LEU B 108 0.54 6.45 26.73
N ASP B 109 -0.41 5.60 26.34
CA ASP B 109 -0.19 4.56 25.35
C ASP B 109 -0.71 4.93 23.96
N SER B 110 -0.70 6.21 23.61
CA SER B 110 -1.07 6.65 22.26
C SER B 110 -0.05 7.68 21.81
N LYS B 111 0.73 7.36 20.78
CA LYS B 111 1.69 8.30 20.22
C LYS B 111 1.10 9.02 19.02
N VAL B 112 1.50 10.29 18.86
CA VAL B 112 0.93 11.14 17.81
C VAL B 112 1.05 10.50 16.44
N GLY B 113 2.20 9.88 16.16
CA GLY B 113 2.35 9.17 14.90
C GLY B 113 1.77 7.77 14.89
N GLY B 114 1.40 7.25 16.06
CA GLY B 114 0.91 5.89 16.16
C GLY B 114 1.83 5.00 16.99
N ASN B 115 1.37 4.58 18.17
CA ASN B 115 2.16 3.71 19.02
C ASN B 115 1.93 2.28 18.55
N TYR B 116 2.95 1.69 17.94
CA TYR B 116 2.83 0.35 17.36
C TYR B 116 3.61 -0.69 18.16
N ASN B 117 3.59 -0.58 19.49
CA ASN B 117 4.28 -1.56 20.33
C ASN B 117 3.33 -2.51 21.04
N TYR B 118 2.05 -2.18 21.16
CA TYR B 118 1.06 -3.08 21.73
C TYR B 118 0.54 -3.99 20.63
N LEU B 119 0.70 -5.30 20.82
CA LEU B 119 0.38 -6.27 19.79
C LEU B 119 -0.60 -7.31 20.32
N TYR B 120 -1.43 -7.83 19.41
CA TYR B 120 -2.32 -8.93 19.74
C TYR B 120 -2.11 -10.06 18.73
N ARG B 121 -2.68 -11.22 19.03
CA ARG B 121 -2.58 -12.40 18.16
C ARG B 121 -3.81 -12.46 17.28
N LEU B 122 -3.60 -12.47 15.96
CA LEU B 122 -4.71 -12.48 15.01
C LEU B 122 -5.06 -13.88 14.55
N PHE B 123 -4.09 -14.62 14.02
CA PHE B 123 -4.31 -15.98 13.56
C PHE B 123 -3.75 -16.97 14.57
N ARG B 124 -4.52 -18.03 14.81
CA ARG B 124 -4.03 -19.15 15.60
C ARG B 124 -4.87 -20.36 15.25
N LYS B 125 -4.22 -21.51 15.03
CA LYS B 125 -4.94 -22.68 14.55
C LYS B 125 -5.99 -23.17 15.55
N SER B 126 -5.83 -22.87 16.83
CA SER B 126 -6.74 -23.37 17.84
C SER B 126 -6.97 -22.29 18.90
N ASN B 127 -8.04 -22.47 19.67
CA ASN B 127 -8.33 -21.56 20.77
C ASN B 127 -7.31 -21.72 21.89
N LEU B 128 -7.24 -20.72 22.76
CA LEU B 128 -6.42 -20.84 23.96
C LEU B 128 -7.17 -21.60 25.04
N LYS B 129 -6.41 -22.25 25.90
CA LYS B 129 -6.99 -22.84 27.10
C LYS B 129 -7.08 -21.75 28.16
N PRO B 130 -7.98 -21.89 29.15
CA PRO B 130 -8.05 -20.89 30.23
C PRO B 130 -6.70 -20.57 30.85
N PHE B 131 -6.34 -19.29 30.84
CA PHE B 131 -5.06 -18.79 31.38
C PHE B 131 -3.86 -19.36 30.62
N GLU B 132 -3.91 -19.25 29.30
CA GLU B 132 -2.82 -19.66 28.43
C GLU B 132 -2.13 -18.41 27.88
N ARG B 133 -0.82 -18.52 27.65
CA ARG B 133 -0.03 -17.41 27.14
C ARG B 133 0.80 -17.92 25.96
N ASP B 134 0.34 -17.65 24.74
CA ASP B 134 1.02 -18.09 23.52
C ASP B 134 1.94 -16.97 23.07
N ILE B 135 3.23 -17.11 23.34
CA ILE B 135 4.21 -16.09 23.00
C ILE B 135 5.02 -16.54 21.80
N SER B 136 4.39 -17.24 20.86
CA SER B 136 5.08 -17.77 19.70
C SER B 136 4.96 -16.82 18.51
N THR B 137 6.05 -16.69 17.77
CA THR B 137 6.10 -15.89 16.55
C THR B 137 6.23 -16.78 15.31
N GLU B 138 5.85 -18.04 15.42
CA GLU B 138 5.89 -18.94 14.27
C GLU B 138 5.03 -18.39 13.15
N ILE B 139 5.65 -18.11 12.01
CA ILE B 139 4.97 -17.58 10.83
C ILE B 139 3.79 -18.47 10.50
N TYR B 140 2.60 -17.88 10.42
CA TYR B 140 1.38 -18.67 10.28
C TYR B 140 1.32 -19.29 8.89
N GLN B 141 1.17 -20.61 8.83
CA GLN B 141 1.07 -21.32 7.55
C GLN B 141 -0.41 -21.48 7.23
N ALA B 142 -0.95 -20.50 6.50
CA ALA B 142 -2.36 -20.44 6.17
C ALA B 142 -2.72 -21.20 4.90
N GLY B 143 -1.90 -22.15 4.49
CA GLY B 143 -2.15 -22.91 3.28
C GLY B 143 -1.51 -24.28 3.35
N SER B 144 -1.06 -24.77 2.18
CA SER B 144 -0.38 -26.04 2.11
C SER B 144 1.10 -25.91 1.79
N THR B 145 1.55 -24.74 1.34
CA THR B 145 2.95 -24.52 1.04
C THR B 145 3.72 -24.24 2.33
N PRO B 146 4.83 -24.93 2.58
CA PRO B 146 5.57 -24.72 3.84
C PRO B 146 6.23 -23.35 3.88
N CYS B 147 6.02 -22.62 4.98
CA CYS B 147 6.62 -21.31 5.17
C CYS B 147 8.05 -21.51 5.66
N ASN B 148 9.02 -21.31 4.76
CA ASN B 148 10.44 -21.48 5.10
C ASN B 148 11.04 -20.22 5.71
N GLY B 149 10.38 -19.69 6.74
CA GLY B 149 10.85 -18.51 7.42
C GLY B 149 10.63 -17.20 6.70
N VAL B 150 10.25 -17.24 5.43
CA VAL B 150 9.99 -16.04 4.67
C VAL B 150 8.51 -15.69 4.79
N GLU B 151 8.21 -14.40 4.80
CA GLU B 151 6.82 -13.96 4.82
C GLU B 151 6.26 -13.98 3.41
N GLY B 152 4.95 -13.81 3.31
CA GLY B 152 4.28 -13.82 2.03
C GLY B 152 2.89 -14.40 2.14
N PHE B 153 2.31 -14.68 0.98
CA PHE B 153 0.95 -15.22 0.92
C PHE B 153 0.88 -16.55 1.66
N ASN B 154 -0.16 -16.68 2.51
CA ASN B 154 -0.34 -17.83 3.39
C ASN B 154 0.90 -18.08 4.24
N CYS B 155 1.64 -17.00 4.55
CA CYS B 155 2.81 -17.04 5.43
C CYS B 155 2.83 -15.68 6.15
N TYR B 156 1.99 -15.56 7.16
CA TYR B 156 1.77 -14.30 7.84
C TYR B 156 2.32 -14.34 9.25
N PHE B 157 2.66 -13.16 9.77
CA PHE B 157 3.16 -13.05 11.13
C PHE B 157 1.96 -13.09 12.07
N PRO B 158 1.94 -14.00 13.06
CA PRO B 158 0.71 -14.22 13.84
C PRO B 158 0.28 -13.03 14.70
N LEU B 159 1.04 -11.95 14.75
CA LEU B 159 0.74 -10.80 15.60
C LEU B 159 0.61 -9.55 14.75
N GLN B 160 -0.44 -8.78 15.00
CA GLN B 160 -0.62 -7.47 14.40
C GLN B 160 -0.45 -6.40 15.47
N SER B 161 -0.11 -5.18 15.02
CA SER B 161 0.16 -4.08 15.92
C SER B 161 -1.09 -3.23 16.09
N TYR B 162 -1.37 -2.83 17.33
CA TYR B 162 -2.49 -1.93 17.60
C TYR B 162 -2.21 -0.56 17.01
N GLY B 163 -3.07 -0.11 16.09
CA GLY B 163 -2.93 1.21 15.51
C GLY B 163 -3.32 2.30 16.48
N PHE B 164 -2.62 2.39 17.60
CA PHE B 164 -2.99 3.30 18.69
C PHE B 164 -2.54 4.73 18.34
N GLN B 165 -3.51 5.57 17.97
CA GLN B 165 -3.31 6.98 17.71
C GLN B 165 -4.21 7.80 18.61
N PRO B 166 -3.77 8.97 19.07
CA PRO B 166 -4.60 9.77 19.99
C PRO B 166 -5.92 10.21 19.40
N THR B 167 -6.01 10.30 18.06
CA THR B 167 -7.25 10.72 17.41
C THR B 167 -8.29 9.60 17.33
N ASN B 168 -7.88 8.35 17.51
CA ASN B 168 -8.78 7.20 17.43
C ASN B 168 -9.98 7.37 18.36
N GLY B 169 -11.07 6.70 18.01
CA GLY B 169 -12.26 6.76 18.84
C GLY B 169 -12.05 6.09 20.19
N VAL B 170 -13.07 6.24 21.05
CA VAL B 170 -12.99 5.68 22.40
C VAL B 170 -12.78 4.18 22.33
N GLY B 171 -13.56 3.49 21.48
CA GLY B 171 -13.42 2.06 21.34
C GLY B 171 -12.08 1.61 20.79
N TYR B 172 -11.36 2.49 20.10
CA TYR B 172 -10.06 2.15 19.53
C TYR B 172 -8.91 2.78 20.31
N GLN B 173 -9.14 3.14 21.57
CA GLN B 173 -8.13 3.70 22.46
C GLN B 173 -7.63 2.64 23.41
N PRO B 174 -6.35 2.69 23.78
CA PRO B 174 -5.78 1.66 24.65
C PRO B 174 -6.40 1.70 26.04
N TYR B 175 -6.92 0.56 26.47
CA TYR B 175 -7.44 0.37 27.82
C TYR B 175 -6.55 -0.62 28.55
N ARG B 176 -5.95 -0.16 29.64
CA ARG B 176 -5.10 -1.04 30.45
C ARG B 176 -5.98 -1.93 31.32
N VAL B 177 -5.57 -3.18 31.47
CA VAL B 177 -6.37 -4.19 32.16
C VAL B 177 -5.55 -4.81 33.28
N VAL B 178 -6.19 -5.05 34.42
CA VAL B 178 -5.61 -5.82 35.51
C VAL B 178 -6.66 -6.82 35.95
N VAL B 179 -6.38 -8.10 35.75
CA VAL B 179 -7.30 -9.19 36.07
C VAL B 179 -6.72 -9.94 37.25
N LEU B 180 -7.44 -9.94 38.36
CA LEU B 180 -7.01 -10.64 39.57
C LEU B 180 -7.57 -12.05 39.54
N SER B 181 -6.71 -13.03 39.30
CA SER B 181 -7.10 -14.43 39.39
C SER B 181 -7.04 -14.86 40.86
N PHE B 182 -8.20 -15.07 41.46
CA PHE B 182 -8.31 -15.45 42.86
C PHE B 182 -8.49 -16.96 42.94
N GLU B 183 -7.67 -17.63 43.74
CA GLU B 183 -7.70 -19.08 43.83
C GLU B 183 -7.37 -19.51 45.25
N LEU B 184 -7.75 -20.75 45.57
CA LEU B 184 -7.47 -21.34 46.87
C LEU B 184 -7.21 -22.82 46.66
N LEU B 185 -6.06 -23.29 47.16
CA LEU B 185 -5.63 -24.66 46.95
C LEU B 185 -5.61 -25.46 48.26
N PRO B 188 -2.40 -23.45 54.06
CA PRO B 188 -1.65 -22.22 53.74
C PRO B 188 -2.53 -21.14 53.13
N ALA B 189 -2.49 -19.93 53.71
CA ALA B 189 -3.23 -18.78 53.21
C ALA B 189 -2.48 -17.51 53.62
N THR B 190 -1.46 -17.16 52.83
CA THR B 190 -0.67 -15.97 53.05
C THR B 190 -1.23 -14.74 52.32
N VAL B 191 -2.43 -14.84 51.76
CA VAL B 191 -3.05 -13.73 51.04
C VAL B 191 -4.40 -13.48 51.71
N CYS B 192 -4.39 -12.65 52.75
CA CYS B 192 -5.58 -12.27 53.48
C CYS B 192 -5.81 -10.77 53.32
N GLY B 193 -6.94 -10.30 53.84
CA GLY B 193 -7.29 -8.91 53.73
C GLY B 193 -7.20 -8.18 55.06
N PRO B 194 -7.61 -6.91 55.06
CA PRO B 194 -7.48 -6.11 56.29
C PRO B 194 -8.17 -6.71 57.49
N LYS B 195 -9.35 -7.27 57.32
CA LYS B 195 -10.09 -7.88 58.42
C LYS B 195 -9.37 -9.13 58.93
N GLU C 1 -2.80 -21.50 -8.23
CA GLU C 1 -3.07 -22.73 -7.49
C GLU C 1 -4.27 -22.54 -6.56
N VAL C 2 -4.54 -21.29 -6.24
CA VAL C 2 -5.62 -20.95 -5.31
C VAL C 2 -6.97 -21.09 -6.02
N GLN C 3 -7.94 -21.71 -5.34
CA GLN C 3 -9.27 -21.91 -5.91
C GLN C 3 -10.22 -22.38 -4.83
N LEU C 4 -11.42 -21.79 -4.81
CA LEU C 4 -12.52 -22.21 -3.95
C LEU C 4 -13.74 -22.53 -4.83
N LEU C 5 -13.87 -23.79 -5.22
CA LEU C 5 -15.02 -24.22 -6.01
C LEU C 5 -16.16 -24.60 -5.08
N GLU C 6 -17.38 -24.23 -5.47
CA GLU C 6 -18.55 -24.39 -4.64
C GLU C 6 -19.55 -25.34 -5.30
N SER C 7 -20.01 -26.34 -4.55
CA SER C 7 -21.03 -27.28 -5.00
C SER C 7 -22.26 -27.16 -4.12
N GLY C 8 -23.34 -27.82 -4.55
CA GLY C 8 -24.60 -27.76 -3.85
C GLY C 8 -25.58 -26.79 -4.51
N GLY C 9 -26.84 -26.90 -4.09
CA GLY C 9 -27.85 -25.94 -4.51
C GLY C 9 -28.93 -26.53 -5.41
N GLY C 10 -30.06 -25.84 -5.51
CA GLY C 10 -31.16 -26.35 -6.31
C GLY C 10 -32.44 -25.56 -6.22
N LEU C 11 -33.57 -26.26 -6.03
CA LEU C 11 -34.88 -25.62 -6.01
C LEU C 11 -35.67 -26.20 -4.83
N VAL C 12 -35.17 -25.95 -3.63
CA VAL C 12 -35.77 -26.53 -2.45
C VAL C 12 -37.07 -25.80 -2.10
N GLN C 13 -37.84 -26.42 -1.23
CA GLN C 13 -39.13 -25.99 -0.74
C GLN C 13 -38.99 -25.45 0.68
N PRO C 14 -39.91 -24.58 1.11
CA PRO C 14 -39.78 -23.97 2.44
C PRO C 14 -39.66 -25.02 3.53
N GLY C 15 -38.96 -24.65 4.59
CA GLY C 15 -38.66 -25.58 5.67
C GLY C 15 -37.88 -26.79 5.23
N GLY C 16 -37.11 -26.68 4.16
CA GLY C 16 -36.35 -27.78 3.60
C GLY C 16 -34.86 -27.59 3.80
N SER C 17 -34.20 -28.63 4.28
CA SER C 17 -32.77 -28.55 4.54
C SER C 17 -31.97 -28.67 3.25
N LEU C 18 -30.80 -28.03 3.25
CA LEU C 18 -29.87 -28.11 2.13
C LEU C 18 -28.47 -28.05 2.73
N ARG C 19 -27.46 -28.16 1.87
CA ARG C 19 -26.08 -28.12 2.33
C ARG C 19 -25.18 -27.66 1.20
N LEU C 20 -24.54 -26.51 1.37
CA LEU C 20 -23.57 -26.01 0.41
C LEU C 20 -22.17 -26.49 0.78
N SER C 21 -21.28 -26.47 -0.20
CA SER C 21 -19.91 -26.92 0.00
C SER C 21 -18.95 -25.98 -0.71
N CYS C 22 -17.70 -25.96 -0.23
CA CYS C 22 -16.66 -25.07 -0.74
C CYS C 22 -15.35 -25.85 -0.74
N ALA C 23 -15.09 -26.58 -1.83
CA ALA C 23 -13.86 -27.34 -1.95
C ALA C 23 -12.70 -26.42 -2.28
N ALA C 24 -11.72 -26.35 -1.39
CA ALA C 24 -10.63 -25.40 -1.49
C ALA C 24 -9.40 -26.05 -2.13
N SER C 25 -8.54 -25.21 -2.68
CA SER C 25 -7.28 -25.67 -3.26
C SER C 25 -6.30 -24.49 -3.22
N GLY C 26 -5.09 -24.75 -2.73
CA GLY C 26 -4.12 -23.70 -2.52
C GLY C 26 -4.18 -23.02 -1.18
N VAL C 27 -5.21 -23.31 -0.37
CA VAL C 27 -5.36 -22.77 0.97
C VAL C 27 -5.69 -23.93 1.91
N THR C 28 -5.90 -23.60 3.18
CA THR C 28 -6.27 -24.58 4.20
C THR C 28 -7.42 -24.01 5.02
N VAL C 29 -8.52 -24.74 5.08
CA VAL C 29 -9.73 -24.20 5.69
C VAL C 29 -9.63 -24.19 7.21
N THR C 30 -9.09 -25.25 7.81
CA THR C 30 -9.04 -25.35 9.26
C THR C 30 -8.15 -24.30 9.91
N SER C 31 -7.29 -23.64 9.13
CA SER C 31 -6.36 -22.65 9.66
C SER C 31 -6.54 -21.31 8.96
N ASN C 32 -7.78 -20.93 8.70
CA ASN C 32 -8.10 -19.68 8.03
C ASN C 32 -9.51 -19.26 8.41
N TYR C 33 -9.75 -17.95 8.42
CA TYR C 33 -11.08 -17.41 8.56
C TYR C 33 -11.86 -17.64 7.27
N MET C 34 -12.89 -18.48 7.33
CA MET C 34 -13.71 -18.78 6.17
C MET C 34 -15.13 -18.30 6.41
N SER C 35 -15.71 -17.65 5.39
CA SER C 35 -17.01 -17.02 5.54
C SER C 35 -17.88 -17.26 4.31
N TRP C 36 -19.19 -17.13 4.52
CA TRP C 36 -20.18 -17.19 3.45
C TRP C 36 -20.89 -15.85 3.30
N VAL C 37 -21.05 -15.41 2.04
CA VAL C 37 -21.71 -14.15 1.70
C VAL C 37 -22.66 -14.41 0.54
N ARG C 38 -23.93 -14.08 0.71
CA ARG C 38 -24.95 -14.37 -0.28
C ARG C 38 -25.42 -13.09 -0.97
N GLN C 39 -25.80 -13.23 -2.24
CA GLN C 39 -26.32 -12.12 -3.04
C GLN C 39 -27.71 -12.45 -3.54
N ALA C 40 -28.71 -11.74 -3.01
CA ALA C 40 -30.10 -11.93 -3.40
C ALA C 40 -30.26 -11.75 -4.91
N PRO C 41 -31.39 -12.22 -5.48
CA PRO C 41 -31.59 -12.11 -6.94
C PRO C 41 -31.60 -10.68 -7.45
N GLY C 42 -30.52 -10.30 -8.15
CA GLY C 42 -30.42 -8.97 -8.71
C GLY C 42 -30.29 -7.87 -7.68
N LYS C 43 -29.81 -8.19 -6.48
CA LYS C 43 -29.61 -7.16 -5.46
C LYS C 43 -28.15 -7.13 -5.02
N GLY C 44 -27.90 -6.67 -3.79
CA GLY C 44 -26.56 -6.53 -3.28
C GLY C 44 -26.12 -7.68 -2.40
N LEU C 45 -24.88 -7.57 -1.93
CA LEU C 45 -24.26 -8.61 -1.13
C LEU C 45 -24.73 -8.54 0.31
N GLU C 46 -24.73 -9.69 0.98
CA GLU C 46 -25.14 -9.78 2.37
C GLU C 46 -24.28 -10.81 3.09
N TRP C 47 -23.80 -10.45 4.28
CA TRP C 47 -22.98 -11.34 5.08
C TRP C 47 -23.82 -12.38 5.80
N VAL C 48 -23.35 -13.63 5.80
CA VAL C 48 -24.08 -14.74 6.39
C VAL C 48 -23.41 -15.19 7.68
N SER C 49 -22.22 -15.78 7.58
CA SER C 49 -21.57 -16.38 8.74
C SER C 49 -20.07 -16.46 8.51
N VAL C 50 -19.35 -16.84 9.56
CA VAL C 50 -17.90 -16.97 9.53
C VAL C 50 -17.47 -18.15 10.38
N ILE C 51 -16.29 -18.68 10.05
CA ILE C 51 -15.60 -19.66 10.86
C ILE C 51 -14.21 -19.09 11.14
N TYR C 52 -13.87 -18.95 12.40
CA TYR C 52 -12.60 -18.33 12.76
C TYR C 52 -11.48 -19.35 12.52
N SER C 53 -10.28 -19.02 12.96
CA SER C 53 -9.18 -19.96 12.92
C SER C 53 -9.19 -20.67 14.27
N GLY C 54 -9.78 -21.85 14.32
CA GLY C 54 -9.90 -22.54 15.57
C GLY C 54 -11.34 -22.82 15.97
N GLY C 55 -12.29 -22.57 15.07
CA GLY C 55 -13.66 -22.98 15.33
C GLY C 55 -14.45 -22.08 16.25
N SER C 56 -14.79 -20.87 15.80
CA SER C 56 -15.67 -19.98 16.54
C SER C 56 -16.82 -19.60 15.61
N THR C 57 -18.05 -19.94 16.00
CA THR C 57 -19.20 -19.78 15.13
C THR C 57 -19.88 -18.44 15.40
N TYR C 58 -20.03 -17.64 14.34
CA TYR C 58 -20.78 -16.40 14.40
C TYR C 58 -21.62 -16.28 13.14
N TYR C 59 -22.92 -16.06 13.28
CA TYR C 59 -23.83 -16.03 12.16
C TYR C 59 -24.56 -14.70 12.10
N ALA C 60 -25.06 -14.37 10.91
CA ALA C 60 -25.93 -13.22 10.77
C ALA C 60 -27.25 -13.46 11.50
N ASP C 61 -27.95 -12.38 11.81
CA ASP C 61 -29.18 -12.49 12.56
C ASP C 61 -30.27 -13.22 11.77
N SER C 62 -30.30 -12.99 10.45
CA SER C 62 -31.33 -13.60 9.60
C SER C 62 -31.17 -15.11 9.45
N VAL C 63 -30.00 -15.66 9.76
CA VAL C 63 -29.73 -17.08 9.60
C VAL C 63 -29.26 -17.65 10.93
N LYS C 64 -29.96 -17.31 12.01
CA LYS C 64 -29.48 -17.61 13.36
C LYS C 64 -29.61 -19.09 13.69
N GLY C 65 -30.83 -19.60 13.71
CA GLY C 65 -31.09 -20.99 14.04
C GLY C 65 -31.24 -21.90 12.84
N ARG C 66 -31.00 -21.39 11.64
CA ARG C 66 -31.24 -22.14 10.41
C ARG C 66 -29.98 -22.60 9.72
N PHE C 67 -28.93 -21.78 9.69
CA PHE C 67 -27.71 -22.11 8.98
C PHE C 67 -26.64 -22.55 9.97
N THR C 68 -25.63 -23.24 9.44
CA THR C 68 -24.52 -23.72 10.25
C THR C 68 -23.32 -23.93 9.33
N ILE C 69 -22.16 -23.46 9.75
CA ILE C 69 -20.92 -23.60 8.98
C ILE C 69 -20.04 -24.64 9.65
N SER C 70 -19.40 -25.48 8.83
CA SER C 70 -18.51 -26.54 9.31
C SER C 70 -17.29 -26.65 8.42
N ARG C 71 -16.31 -27.45 8.85
CA ARG C 71 -15.07 -27.64 8.12
C ARG C 71 -14.58 -29.08 8.28
N HIS C 72 -13.98 -29.61 7.20
CA HIS C 72 -13.38 -30.94 7.19
C HIS C 72 -12.08 -30.92 6.39
N ASN C 73 -11.00 -31.41 7.00
CA ASN C 73 -9.69 -31.46 6.34
C ASN C 73 -9.53 -32.60 5.35
N SER C 74 -10.43 -33.58 5.33
CA SER C 74 -10.32 -34.68 4.37
C SER C 74 -10.23 -34.16 2.94
N LYS C 75 -11.15 -33.27 2.57
CA LYS C 75 -11.14 -32.64 1.25
C LYS C 75 -10.81 -31.15 1.32
N ASN C 76 -10.40 -30.65 2.49
CA ASN C 76 -10.16 -29.23 2.71
C ASN C 76 -11.34 -28.42 2.21
N THR C 77 -12.51 -28.72 2.79
CA THR C 77 -13.77 -28.17 2.34
C THR C 77 -14.48 -27.41 3.46
N LEU C 78 -15.29 -26.43 3.05
CA LEU C 78 -16.11 -25.64 3.94
C LEU C 78 -17.57 -25.85 3.55
N TYR C 79 -18.46 -25.93 4.54
CA TYR C 79 -19.86 -26.21 4.28
C TYR C 79 -20.75 -25.17 4.93
N LEU C 80 -21.96 -25.05 4.40
CA LEU C 80 -23.02 -24.22 4.99
C LEU C 80 -24.30 -25.03 4.95
N GLN C 81 -24.61 -25.71 6.05
CA GLN C 81 -25.81 -26.53 6.16
C GLN C 81 -27.00 -25.61 6.32
N MET C 82 -27.89 -25.58 5.33
CA MET C 82 -29.01 -24.64 5.28
C MET C 82 -30.30 -25.35 5.71
N ASN C 83 -30.43 -25.52 7.02
CA ASN C 83 -31.64 -26.11 7.58
C ASN C 83 -32.73 -25.07 7.74
N SER C 84 -33.97 -25.54 7.87
CA SER C 84 -35.15 -24.69 8.11
C SER C 84 -35.24 -23.54 7.11
N LEU C 85 -35.01 -23.84 5.83
CA LEU C 85 -34.95 -22.80 4.81
C LEU C 85 -36.26 -22.02 4.71
N ARG C 86 -36.15 -20.77 4.28
CA ARG C 86 -37.32 -19.90 4.16
C ARG C 86 -37.57 -19.63 2.68
N ALA C 87 -37.84 -18.38 2.33
CA ALA C 87 -38.12 -18.03 0.93
C ALA C 87 -37.17 -16.97 0.40
N GLU C 88 -36.96 -15.88 1.12
CA GLU C 88 -36.01 -14.86 0.70
C GLU C 88 -34.57 -15.37 0.65
N ASP C 89 -34.30 -16.56 1.18
CA ASP C 89 -32.95 -17.13 1.13
C ASP C 89 -32.46 -17.37 -0.29
N THR C 90 -33.34 -17.31 -1.28
CA THR C 90 -32.91 -17.39 -2.68
C THR C 90 -31.79 -16.40 -2.93
N ALA C 91 -30.63 -16.92 -3.29
CA ALA C 91 -29.44 -16.10 -3.51
C ALA C 91 -28.33 -16.97 -4.06
N VAL C 92 -27.36 -16.34 -4.69
CA VAL C 92 -26.09 -16.98 -5.02
C VAL C 92 -25.20 -16.89 -3.79
N TYR C 93 -24.57 -17.99 -3.43
CA TYR C 93 -23.79 -18.08 -2.21
C TYR C 93 -22.31 -18.21 -2.56
N TYR C 94 -21.49 -17.35 -1.96
CA TYR C 94 -20.05 -17.33 -2.17
C TYR C 94 -19.33 -17.67 -0.88
N CYS C 95 -18.25 -18.45 -0.99
CA CYS C 95 -17.33 -18.68 0.10
C CYS C 95 -16.02 -17.92 -0.16
N ALA C 96 -15.38 -17.48 0.91
CA ALA C 96 -14.16 -16.70 0.79
C ALA C 96 -13.29 -16.91 2.02
N ARG C 97 -12.02 -16.52 1.88
CA ARG C 97 -11.03 -16.66 2.95
C ARG C 97 -10.71 -15.27 3.48
N ASP C 98 -11.28 -14.95 4.64
CA ASP C 98 -11.22 -13.60 5.19
C ASP C 98 -9.93 -13.45 6.00
N LEU C 99 -8.90 -12.89 5.39
CA LEU C 99 -7.64 -12.63 6.10
C LEU C 99 -7.75 -11.46 7.11
N ARG C 100 -8.95 -10.93 7.33
CA ARG C 100 -9.20 -9.82 8.24
C ARG C 100 -8.33 -8.59 7.94
N GLU C 101 -7.45 -8.22 8.88
CA GLU C 101 -6.60 -7.04 8.74
C GLU C 101 -5.27 -7.34 8.07
N ALA C 102 -5.21 -8.39 7.26
CA ALA C 102 -4.02 -8.74 6.48
C ALA C 102 -4.45 -9.24 5.10
N GLY C 103 -5.31 -8.49 4.45
CA GLY C 103 -6.09 -8.91 3.30
C GLY C 103 -7.51 -9.20 3.72
N GLY C 104 -8.44 -8.94 2.83
CA GLY C 104 -9.82 -9.14 3.19
C GLY C 104 -10.56 -9.90 2.12
N MET C 105 -10.88 -11.15 2.41
CA MET C 105 -11.52 -12.04 1.45
C MET C 105 -10.71 -12.06 0.16
N ASP C 106 -9.45 -12.47 0.34
CA ASP C 106 -8.46 -12.48 -0.74
C ASP C 106 -8.91 -13.38 -1.89
N VAL C 107 -9.32 -14.60 -1.58
CA VAL C 107 -9.79 -15.55 -2.58
C VAL C 107 -11.29 -15.75 -2.41
N TRP C 108 -12.00 -15.79 -3.54
CA TRP C 108 -13.45 -15.91 -3.55
C TRP C 108 -13.87 -17.17 -4.32
N GLY C 109 -15.07 -17.65 -4.01
CA GLY C 109 -15.64 -18.78 -4.73
C GLY C 109 -16.15 -18.35 -6.09
N GLN C 110 -17.01 -19.19 -6.67
CA GLN C 110 -17.60 -18.88 -7.96
C GLN C 110 -19.12 -18.77 -7.94
N GLY C 111 -19.79 -19.36 -6.95
CA GLY C 111 -21.22 -19.21 -6.86
C GLY C 111 -22.01 -20.49 -7.03
N THR C 112 -22.80 -20.83 -6.03
CA THR C 112 -23.72 -21.96 -6.07
C THR C 112 -25.12 -21.43 -5.75
N THR C 113 -25.98 -21.41 -6.76
CA THR C 113 -27.29 -20.79 -6.60
C THR C 113 -28.19 -21.65 -5.73
N VAL C 114 -28.87 -21.02 -4.78
CA VAL C 114 -29.90 -21.67 -3.97
C VAL C 114 -31.21 -20.96 -4.24
N THR C 115 -32.18 -21.69 -4.79
CA THR C 115 -33.52 -21.15 -5.01
C THR C 115 -34.49 -21.90 -4.11
N VAL C 116 -35.33 -21.16 -3.37
CA VAL C 116 -36.25 -21.79 -2.44
C VAL C 116 -37.69 -21.46 -2.79
N SER C 117 -38.05 -21.59 -4.06
CA SER C 117 -39.42 -21.32 -4.49
C SER C 117 -40.25 -22.60 -4.39
N SER C 118 -41.54 -22.42 -4.09
CA SER C 118 -42.44 -23.55 -3.89
C SER C 118 -42.78 -24.29 -5.18
N ALA C 119 -42.37 -23.79 -6.33
CA ALA C 119 -42.65 -24.43 -7.61
C ALA C 119 -41.75 -25.64 -7.81
N SER C 120 -41.82 -26.26 -8.99
CA SER C 120 -41.00 -27.41 -9.31
C SER C 120 -40.15 -27.14 -10.54
N THR C 121 -39.12 -27.96 -10.71
CA THR C 121 -38.12 -27.72 -11.74
C THR C 121 -38.70 -27.93 -13.14
N LYS C 122 -38.20 -27.16 -14.08
CA LYS C 122 -38.59 -27.24 -15.48
C LYS C 122 -37.35 -27.12 -16.35
N GLY C 123 -37.10 -28.12 -17.18
CA GLY C 123 -35.96 -28.08 -18.07
C GLY C 123 -36.21 -27.13 -19.23
N PRO C 124 -35.13 -26.68 -19.87
CA PRO C 124 -35.26 -25.73 -20.96
C PRO C 124 -35.58 -26.45 -22.27
N SER C 125 -35.66 -25.66 -23.34
CA SER C 125 -35.88 -26.17 -24.69
C SER C 125 -34.94 -25.37 -25.59
N VAL C 126 -33.78 -25.94 -25.88
CA VAL C 126 -32.71 -25.21 -26.56
C VAL C 126 -32.89 -25.40 -28.06
N PHE C 127 -33.43 -24.39 -28.71
CA PHE C 127 -33.59 -24.29 -30.16
C PHE C 127 -32.43 -23.50 -30.76
N PRO C 128 -32.06 -23.78 -32.00
CA PRO C 128 -30.93 -23.06 -32.62
C PRO C 128 -31.39 -21.82 -33.38
N LEU C 129 -30.62 -20.75 -33.22
CA LEU C 129 -30.83 -19.52 -33.98
C LEU C 129 -29.86 -19.56 -35.16
N ALA C 130 -30.37 -20.00 -36.31
CA ALA C 130 -29.51 -20.30 -37.45
C ALA C 130 -28.89 -19.02 -38.01
N PRO C 131 -27.71 -19.13 -38.63
CA PRO C 131 -27.03 -17.94 -39.21
C PRO C 131 -27.51 -17.59 -40.61
N SER C 132 -28.75 -17.12 -40.71
CA SER C 132 -29.32 -16.75 -42.01
C SER C 132 -28.98 -15.31 -42.36
N SER C 133 -29.06 -14.41 -41.39
CA SER C 133 -28.76 -13.00 -41.60
C SER C 133 -27.30 -12.68 -41.27
N LYS C 134 -26.82 -11.58 -41.84
CA LYS C 134 -25.44 -11.16 -41.64
C LYS C 134 -25.32 -9.69 -42.02
N SER C 135 -24.11 -9.16 -41.90
CA SER C 135 -23.84 -7.77 -42.27
C SER C 135 -22.36 -7.58 -42.64
N GLY C 138 -16.21 -6.33 -44.73
CA GLY C 138 -16.47 -6.88 -43.41
C GLY C 138 -17.33 -8.13 -43.46
N GLY C 139 -16.86 -9.18 -42.80
CA GLY C 139 -17.63 -10.41 -42.72
C GLY C 139 -18.13 -10.77 -41.34
N THR C 140 -19.45 -10.83 -41.18
CA THR C 140 -20.09 -11.16 -39.91
C THR C 140 -21.14 -12.23 -40.18
N ALA C 141 -21.61 -12.86 -39.11
CA ALA C 141 -22.67 -13.85 -39.23
C ALA C 141 -23.42 -13.96 -37.90
N ALA C 142 -24.74 -13.88 -37.97
CA ALA C 142 -25.60 -13.89 -36.78
C ALA C 142 -25.80 -15.33 -36.34
N LEU C 143 -24.92 -15.81 -35.48
CA LEU C 143 -25.03 -17.15 -34.92
C LEU C 143 -25.56 -17.05 -33.49
N GLY C 144 -26.31 -18.06 -33.08
CA GLY C 144 -26.82 -18.09 -31.72
C GLY C 144 -27.68 -19.32 -31.49
N CYS C 145 -28.16 -19.43 -30.26
CA CYS C 145 -29.09 -20.49 -29.90
C CYS C 145 -29.95 -20.01 -28.75
N LEU C 146 -31.23 -20.34 -28.80
CA LEU C 146 -32.23 -19.85 -27.86
C LEU C 146 -32.46 -20.90 -26.77
N VAL C 147 -32.26 -20.51 -25.51
CA VAL C 147 -32.49 -21.38 -24.37
C VAL C 147 -33.86 -20.98 -23.82
N LYS C 148 -34.90 -21.66 -24.30
CA LYS C 148 -36.28 -21.28 -24.05
C LYS C 148 -36.90 -22.08 -22.92
N ASP C 149 -37.79 -21.41 -22.17
CA ASP C 149 -38.68 -22.03 -21.19
C ASP C 149 -37.97 -22.91 -20.18
N TYR C 150 -37.43 -22.31 -19.11
CA TYR C 150 -36.79 -23.10 -18.06
C TYR C 150 -37.06 -22.44 -16.71
N PHE C 151 -36.80 -23.22 -15.66
CA PHE C 151 -37.03 -22.84 -14.27
C PHE C 151 -36.34 -23.87 -13.37
N PRO C 152 -35.58 -23.44 -12.36
CA PRO C 152 -35.28 -22.05 -12.00
C PRO C 152 -33.95 -21.59 -12.59
N GLU C 153 -33.50 -20.43 -12.16
CA GLU C 153 -32.17 -19.96 -12.51
C GLU C 153 -31.13 -20.83 -11.79
N PRO C 154 -29.93 -21.00 -12.37
CA PRO C 154 -29.47 -20.50 -13.66
C PRO C 154 -29.18 -21.59 -14.69
N VAL C 155 -28.89 -21.15 -15.91
CA VAL C 155 -28.30 -21.99 -16.94
C VAL C 155 -26.98 -21.35 -17.36
N THR C 156 -26.06 -22.18 -17.85
CA THR C 156 -24.77 -21.71 -18.32
C THR C 156 -24.57 -22.20 -19.73
N VAL C 157 -24.38 -21.28 -20.67
CA VAL C 157 -24.28 -21.61 -22.08
C VAL C 157 -22.87 -21.28 -22.56
N SER C 158 -22.20 -22.28 -23.13
CA SER C 158 -20.92 -22.11 -23.78
C SER C 158 -21.03 -22.59 -25.22
N TRP C 159 -20.01 -22.27 -26.01
CA TRP C 159 -19.99 -22.60 -27.43
C TRP C 159 -18.75 -23.43 -27.73
N ASN C 160 -18.97 -24.61 -28.34
CA ASN C 160 -17.91 -25.57 -28.62
C ASN C 160 -17.22 -26.01 -27.33
N SER C 161 -18.02 -26.29 -26.29
CA SER C 161 -17.57 -26.82 -25.00
C SER C 161 -16.69 -25.85 -24.22
N GLY C 162 -16.17 -24.83 -24.89
CA GLY C 162 -15.32 -23.85 -24.24
C GLY C 162 -14.20 -23.40 -25.15
N ALA C 163 -14.36 -23.68 -26.45
CA ALA C 163 -13.38 -23.32 -27.46
C ALA C 163 -13.83 -22.15 -28.33
N LEU C 164 -15.05 -21.65 -28.11
CA LEU C 164 -15.55 -20.46 -28.80
C LEU C 164 -16.00 -19.46 -27.74
N THR C 165 -15.19 -18.42 -27.50
CA THR C 165 -15.54 -17.42 -26.51
C THR C 165 -15.24 -16.01 -26.98
N SER C 166 -15.00 -15.81 -28.27
CA SER C 166 -14.76 -14.49 -28.84
C SER C 166 -16.08 -13.96 -29.39
N GLY C 167 -16.66 -12.99 -28.69
CA GLY C 167 -17.90 -12.40 -29.15
C GLY C 167 -19.15 -13.18 -28.78
N VAL C 168 -19.13 -13.92 -27.69
CA VAL C 168 -20.31 -14.64 -27.20
C VAL C 168 -21.08 -13.70 -26.30
N HIS C 169 -22.37 -13.49 -26.60
CA HIS C 169 -23.21 -12.56 -25.87
C HIS C 169 -24.37 -13.33 -25.24
N THR C 170 -24.08 -14.09 -24.19
CA THR C 170 -25.10 -14.84 -23.48
C THR C 170 -25.97 -13.88 -22.68
N PHE C 171 -27.12 -13.52 -23.24
CA PHE C 171 -28.01 -12.56 -22.60
C PHE C 171 -28.51 -13.10 -21.27
N PRO C 172 -28.87 -12.21 -20.34
CA PRO C 172 -29.51 -12.65 -19.09
C PRO C 172 -30.93 -13.13 -19.35
N ALA C 173 -31.50 -13.77 -18.33
CA ALA C 173 -32.81 -14.37 -18.44
C ALA C 173 -33.91 -13.35 -18.19
N VAL C 174 -35.08 -13.62 -18.77
CA VAL C 174 -36.28 -12.84 -18.53
C VAL C 174 -37.37 -13.77 -18.02
N LEU C 175 -38.20 -13.25 -17.11
CA LEU C 175 -39.31 -14.01 -16.53
C LEU C 175 -40.52 -13.90 -17.45
N GLN C 176 -40.88 -15.01 -18.11
CA GLN C 176 -42.03 -15.04 -18.99
C GLN C 176 -43.31 -14.67 -18.23
N SER C 177 -44.39 -14.45 -19.01
CA SER C 177 -45.67 -14.09 -18.42
C SER C 177 -46.22 -15.18 -17.52
N SER C 178 -45.68 -16.40 -17.60
CA SER C 178 -46.13 -17.51 -16.77
C SER C 178 -45.33 -17.62 -15.48
N GLY C 179 -44.00 -17.61 -15.58
CA GLY C 179 -43.13 -17.79 -14.44
C GLY C 179 -41.83 -18.47 -14.82
N LEU C 180 -41.75 -18.91 -16.07
CA LEU C 180 -40.56 -19.55 -16.60
C LEU C 180 -39.58 -18.51 -17.13
N TYR C 181 -38.37 -18.97 -17.41
CA TYR C 181 -37.31 -18.11 -17.90
C TYR C 181 -36.99 -18.44 -19.36
N SER C 182 -36.25 -17.53 -20.00
CA SER C 182 -35.69 -17.80 -21.31
C SER C 182 -34.53 -16.84 -21.54
N LEU C 183 -33.62 -17.24 -22.41
CA LEU C 183 -32.49 -16.39 -22.76
C LEU C 183 -31.89 -16.88 -24.07
N SER C 184 -30.98 -16.08 -24.61
CA SER C 184 -30.33 -16.38 -25.88
C SER C 184 -28.84 -16.15 -25.76
N SER C 185 -28.06 -17.06 -26.32
CA SER C 185 -26.62 -16.93 -26.41
C SER C 185 -26.24 -16.82 -27.88
N VAL C 186 -25.65 -15.68 -28.25
CA VAL C 186 -25.33 -15.39 -29.64
C VAL C 186 -23.85 -15.09 -29.77
N VAL C 187 -23.25 -15.57 -30.88
CA VAL C 187 -21.85 -15.33 -31.19
C VAL C 187 -21.77 -14.68 -32.58
N THR C 188 -20.85 -13.74 -32.74
CA THR C 188 -20.64 -13.06 -34.02
C THR C 188 -19.32 -13.55 -34.60
N VAL C 189 -19.39 -14.31 -35.69
CA VAL C 189 -18.22 -14.86 -36.34
C VAL C 189 -18.31 -14.54 -37.84
N PRO C 190 -17.17 -14.53 -38.53
CA PRO C 190 -17.20 -14.21 -39.97
C PRO C 190 -17.98 -15.25 -40.77
N SER C 191 -18.56 -14.80 -41.89
CA SER C 191 -19.36 -15.68 -42.72
C SER C 191 -18.52 -16.77 -43.37
N SER C 192 -17.22 -16.55 -43.52
CA SER C 192 -16.35 -17.56 -44.13
C SER C 192 -16.36 -18.85 -43.33
N SER C 193 -16.58 -18.76 -42.02
CA SER C 193 -16.56 -19.93 -41.15
C SER C 193 -17.93 -20.58 -41.01
N LEU C 194 -18.96 -20.00 -41.65
CA LEU C 194 -20.28 -20.60 -41.62
C LEU C 194 -20.30 -21.93 -42.36
N GLY C 195 -19.64 -21.96 -43.52
CA GLY C 195 -19.50 -23.20 -44.29
C GLY C 195 -18.79 -24.30 -43.53
N THR C 196 -18.01 -23.93 -42.52
CA THR C 196 -17.28 -24.94 -41.75
C THR C 196 -18.23 -25.71 -40.84
N GLN C 197 -19.18 -24.99 -40.21
CA GLN C 197 -20.20 -25.59 -39.33
C GLN C 197 -19.58 -26.22 -38.09
N THR C 198 -18.75 -25.44 -37.39
CA THR C 198 -18.22 -25.88 -36.10
C THR C 198 -18.84 -25.08 -34.97
N TYR C 199 -20.17 -25.09 -34.85
CA TYR C 199 -20.87 -24.25 -33.87
C TYR C 199 -21.91 -25.08 -33.12
N ILE C 200 -21.56 -25.47 -31.89
CA ILE C 200 -22.45 -26.20 -30.99
C ILE C 200 -22.50 -25.45 -29.66
N CYS C 201 -23.70 -25.03 -29.25
CA CYS C 201 -23.87 -24.34 -27.98
C CYS C 201 -24.22 -25.35 -26.89
N ASN C 202 -23.36 -25.43 -25.86
CA ASN C 202 -23.55 -26.35 -24.74
C ASN C 202 -24.33 -25.68 -23.63
N VAL C 203 -25.52 -26.21 -23.33
CA VAL C 203 -26.43 -25.65 -22.34
C VAL C 203 -26.57 -26.63 -21.19
N ASN C 204 -26.69 -26.10 -19.97
CA ASN C 204 -26.79 -26.93 -18.78
C ASN C 204 -27.68 -26.26 -17.75
N HIS C 205 -28.76 -26.94 -17.37
CA HIS C 205 -29.68 -26.51 -16.32
C HIS C 205 -29.64 -27.58 -15.22
N LYS C 206 -28.63 -27.49 -14.36
CA LYS C 206 -28.43 -28.51 -13.33
C LYS C 206 -29.65 -28.74 -12.43
N PRO C 207 -30.34 -27.70 -11.91
CA PRO C 207 -31.52 -27.97 -11.06
C PRO C 207 -32.60 -28.81 -11.72
N SER C 208 -32.57 -28.96 -13.04
CA SER C 208 -33.48 -29.86 -13.75
C SER C 208 -32.76 -31.03 -14.39
N ASN C 209 -31.46 -31.20 -14.11
CA ASN C 209 -30.61 -32.24 -14.68
C ASN C 209 -30.56 -32.19 -16.20
N THR C 210 -31.10 -31.14 -16.82
CA THR C 210 -31.13 -31.05 -18.27
C THR C 210 -29.75 -30.66 -18.79
N LYS C 211 -29.16 -31.51 -19.62
CA LYS C 211 -27.87 -31.24 -20.26
C LYS C 211 -28.02 -31.49 -21.75
N VAL C 212 -28.12 -30.41 -22.53
CA VAL C 212 -28.38 -30.50 -23.96
C VAL C 212 -27.25 -29.81 -24.70
N ASP C 213 -26.97 -30.30 -25.91
CA ASP C 213 -25.97 -29.70 -26.80
C ASP C 213 -26.59 -29.63 -28.19
N LYS C 214 -26.97 -28.44 -28.62
CA LYS C 214 -27.59 -28.26 -29.92
C LYS C 214 -26.57 -27.82 -30.97
N LYS C 215 -26.95 -27.99 -32.23
CA LYS C 215 -26.04 -27.87 -33.38
C LYS C 215 -26.66 -26.87 -34.36
N VAL C 216 -26.13 -25.65 -34.38
CA VAL C 216 -26.66 -24.59 -35.23
C VAL C 216 -26.11 -24.76 -36.64
N GLU C 217 -27.01 -24.81 -37.62
CA GLU C 217 -26.62 -25.08 -38.99
C GLU C 217 -26.96 -23.89 -39.89
N PRO C 218 -26.06 -23.55 -40.82
CA PRO C 218 -26.29 -22.40 -41.71
C PRO C 218 -27.62 -22.47 -42.45
N LYS C 219 -28.13 -21.29 -42.80
CA LYS C 219 -29.43 -21.12 -43.46
C LYS C 219 -30.55 -21.74 -42.64
N SER C 220 -31.18 -22.79 -43.15
CA SER C 220 -32.27 -23.49 -42.48
C SER C 220 -33.37 -22.52 -42.00
N ASP D 1 -24.94 -4.49 14.41
CA ASP D 1 -26.10 -3.96 13.71
C ASP D 1 -25.76 -2.61 13.08
N ILE D 2 -24.79 -2.59 12.18
CA ILE D 2 -24.32 -1.35 11.57
C ILE D 2 -24.97 -1.22 10.19
N VAL D 3 -25.18 0.02 9.75
CA VAL D 3 -25.75 0.29 8.44
C VAL D 3 -24.82 1.25 7.71
N MET D 4 -24.12 0.73 6.71
CA MET D 4 -23.17 1.53 5.93
C MET D 4 -23.88 2.08 4.70
N THR D 5 -24.02 3.40 4.64
CA THR D 5 -24.78 4.07 3.59
C THR D 5 -23.80 4.56 2.53
N GLN D 6 -23.70 3.84 1.41
CA GLN D 6 -22.86 4.30 0.32
C GLN D 6 -23.52 5.52 -0.34
N SER D 7 -22.69 6.44 -0.81
CA SER D 7 -23.30 7.64 -1.37
C SER D 7 -23.77 7.42 -2.80
N PRO D 8 -22.92 7.54 -3.83
CA PRO D 8 -23.46 7.46 -5.20
C PRO D 8 -23.96 6.05 -5.48
N SER D 9 -25.15 5.97 -6.09
CA SER D 9 -25.71 4.69 -6.47
C SER D 9 -25.57 4.39 -7.95
N SER D 10 -25.12 5.37 -8.74
CA SER D 10 -25.06 5.26 -10.19
C SER D 10 -24.29 6.44 -10.76
N LEU D 11 -22.99 6.27 -10.99
CA LEU D 11 -22.14 7.32 -11.53
C LEU D 11 -21.78 7.00 -12.98
N SER D 12 -22.11 7.93 -13.87
CA SER D 12 -21.85 7.78 -15.30
C SER D 12 -20.71 8.72 -15.69
N ALA D 13 -19.63 8.15 -16.20
CA ALA D 13 -18.45 8.92 -16.59
C ALA D 13 -17.82 8.29 -17.82
N SER D 14 -16.81 8.97 -18.35
CA SER D 14 -16.10 8.52 -19.54
C SER D 14 -14.71 7.99 -19.16
N VAL D 15 -13.91 7.67 -20.18
CA VAL D 15 -12.58 7.11 -19.97
C VAL D 15 -11.61 8.22 -19.61
N GLY D 16 -10.77 7.96 -18.61
CA GLY D 16 -9.79 8.90 -18.14
C GLY D 16 -10.28 9.92 -17.14
N ASP D 17 -11.49 9.77 -16.63
CA ASP D 17 -12.06 10.67 -15.63
C ASP D 17 -11.89 10.06 -14.24
N ARG D 18 -11.86 10.93 -13.22
CA ARG D 18 -11.78 10.43 -11.86
C ARG D 18 -13.12 9.85 -11.45
N VAL D 19 -13.11 9.10 -10.35
CA VAL D 19 -14.32 8.54 -9.76
C VAL D 19 -14.23 8.71 -8.25
N THR D 20 -15.37 8.92 -7.61
CA THR D 20 -15.41 9.08 -6.16
C THR D 20 -16.63 8.39 -5.59
N ILE D 21 -16.42 7.21 -5.00
CA ILE D 21 -17.48 6.46 -4.34
C ILE D 21 -17.31 6.64 -2.84
N THR D 22 -18.38 7.04 -2.16
CA THR D 22 -18.35 7.37 -0.74
C THR D 22 -19.15 6.34 0.05
N CYS D 23 -18.55 5.82 1.12
CA CYS D 23 -19.15 4.79 1.96
C CYS D 23 -19.12 5.26 3.42
N GLN D 24 -20.21 5.84 3.89
CA GLN D 24 -20.34 6.26 5.29
C GLN D 24 -20.90 5.12 6.13
N ALA D 25 -20.43 5.04 7.37
CA ALA D 25 -20.80 3.99 8.31
C ALA D 25 -21.70 4.55 9.40
N SER D 26 -22.27 3.66 10.21
CA SER D 26 -23.17 4.08 11.28
C SER D 26 -22.39 4.60 12.48
N GLN D 27 -21.53 3.76 13.05
CA GLN D 27 -20.68 4.18 14.16
C GLN D 27 -19.22 4.05 13.74
N ASP D 28 -18.33 4.22 14.71
CA ASP D 28 -16.92 4.41 14.42
C ASP D 28 -16.26 3.07 14.15
N ILE D 29 -15.94 2.86 12.89
CA ILE D 29 -15.12 1.70 12.49
C ILE D 29 -13.82 2.40 12.10
N ASN D 30 -12.67 1.77 12.24
CA ASN D 30 -11.44 2.54 11.94
C ASN D 30 -10.52 1.67 11.11
N ASN D 31 -10.09 2.16 9.96
CA ASN D 31 -9.12 1.36 9.17
C ASN D 31 -9.75 0.00 8.90
N TYR D 32 -11.03 -0.17 9.21
CA TYR D 32 -11.67 -1.50 9.08
C TYR D 32 -12.74 -1.45 8.00
N LEU D 33 -12.33 -1.09 6.77
CA LEU D 33 -13.28 -1.10 5.64
C LEU D 33 -12.57 -1.67 4.42
N ASN D 34 -13.26 -2.54 3.68
CA ASN D 34 -12.71 -3.12 2.46
C ASN D 34 -13.59 -2.76 1.27
N TRP D 35 -12.95 -2.59 0.11
CA TRP D 35 -13.63 -2.28 -1.15
C TRP D 35 -13.52 -3.44 -2.12
N TYR D 36 -14.63 -3.73 -2.81
CA TYR D 36 -14.67 -4.85 -3.74
C TYR D 36 -15.18 -4.38 -5.10
N GLN D 37 -14.98 -5.25 -6.10
CA GLN D 37 -15.38 -5.01 -7.47
C GLN D 37 -16.04 -6.29 -7.97
N GLN D 38 -17.34 -6.24 -8.23
CA GLN D 38 -18.04 -7.47 -8.58
C GLN D 38 -18.03 -7.79 -10.07
N LYS D 39 -17.95 -6.78 -10.94
CA LYS D 39 -17.92 -6.97 -12.39
C LYS D 39 -19.22 -7.58 -12.90
N PRO D 40 -19.54 -7.43 -14.19
CA PRO D 40 -20.80 -7.99 -14.70
C PRO D 40 -20.87 -9.50 -14.57
N GLY D 41 -21.62 -9.98 -13.58
CA GLY D 41 -21.84 -11.39 -13.37
C GLY D 41 -20.70 -12.15 -12.72
N LYS D 42 -19.48 -11.63 -12.77
CA LYS D 42 -18.34 -12.31 -12.18
C LYS D 42 -18.42 -12.28 -10.65
N ALA D 43 -17.58 -13.11 -10.02
CA ALA D 43 -17.50 -13.15 -8.58
C ALA D 43 -16.79 -11.90 -8.05
N PRO D 44 -17.15 -11.44 -6.86
CA PRO D 44 -16.53 -10.24 -6.31
C PRO D 44 -15.02 -10.40 -6.16
N LYS D 45 -14.30 -9.35 -6.55
CA LYS D 45 -12.85 -9.26 -6.40
C LYS D 45 -12.50 -8.19 -5.37
N LEU D 46 -11.44 -8.43 -4.60
CA LEU D 46 -10.98 -7.49 -3.60
C LEU D 46 -10.07 -6.43 -4.23
N LEU D 47 -10.26 -5.18 -3.82
CA LEU D 47 -9.46 -4.07 -4.32
C LEU D 47 -8.73 -3.34 -3.20
N ILE D 48 -9.44 -2.74 -2.26
CA ILE D 48 -8.85 -2.03 -1.12
C ILE D 48 -9.17 -2.80 0.15
N TYR D 49 -8.15 -3.02 0.97
CA TYR D 49 -8.34 -3.56 2.31
C TYR D 49 -7.66 -2.65 3.31
N ASP D 50 -8.15 -2.69 4.56
CA ASP D 50 -7.71 -1.79 5.61
C ASP D 50 -7.80 -0.34 5.17
N ALA D 51 -9.00 0.03 4.68
CA ALA D 51 -9.36 1.41 4.34
C ALA D 51 -8.54 1.99 3.19
N SER D 52 -7.23 1.73 3.19
CA SER D 52 -6.34 2.35 2.21
C SER D 52 -5.34 1.40 1.57
N ASN D 53 -5.04 0.26 2.18
CA ASN D 53 -4.01 -0.62 1.62
C ASN D 53 -4.52 -1.30 0.37
N LEU D 54 -3.72 -1.25 -0.69
CA LEU D 54 -4.08 -1.87 -1.96
C LEU D 54 -3.61 -3.32 -1.98
N GLU D 55 -4.28 -4.14 -2.79
CA GLU D 55 -3.93 -5.55 -2.93
C GLU D 55 -3.08 -5.74 -4.18
N THR D 56 -2.12 -6.67 -4.09
CA THR D 56 -1.22 -6.97 -5.21
C THR D 56 -2.00 -7.43 -6.43
N GLY D 57 -1.96 -6.65 -7.50
CA GLY D 57 -2.69 -6.97 -8.71
C GLY D 57 -3.57 -5.83 -9.17
N VAL D 58 -4.41 -5.34 -8.27
CA VAL D 58 -5.25 -4.17 -8.50
C VAL D 58 -4.38 -3.05 -9.05
N PRO D 59 -4.73 -2.47 -10.20
CA PRO D 59 -3.89 -1.41 -10.78
C PRO D 59 -3.77 -0.21 -9.84
N SER D 60 -2.73 0.57 -10.08
CA SER D 60 -2.49 1.75 -9.24
C SER D 60 -3.48 2.86 -9.49
N ARG D 61 -4.58 2.58 -10.19
CA ARG D 61 -5.63 3.58 -10.37
C ARG D 61 -6.66 3.56 -9.26
N PHE D 62 -6.68 2.51 -8.43
CA PHE D 62 -7.64 2.39 -7.35
C PHE D 62 -7.01 2.84 -6.04
N SER D 63 -7.77 3.56 -5.22
CA SER D 63 -7.25 4.04 -3.95
C SER D 63 -8.41 4.33 -3.01
N GLY D 64 -8.09 4.36 -1.71
CA GLY D 64 -9.07 4.75 -0.72
C GLY D 64 -8.37 5.42 0.45
N SER D 65 -9.19 5.94 1.37
CA SER D 65 -8.66 6.59 2.56
C SER D 65 -9.81 6.90 3.51
N GLY D 66 -9.52 6.85 4.80
CA GLY D 66 -10.53 7.13 5.80
C GLY D 66 -10.13 6.65 7.17
N SER D 67 -10.78 7.16 8.21
CA SER D 67 -10.44 6.80 9.58
C SER D 67 -11.57 7.16 10.53
N GLY D 68 -12.71 6.48 10.41
CA GLY D 68 -13.82 6.76 11.29
C GLY D 68 -15.18 6.45 10.68
N THR D 69 -16.12 7.37 10.82
CA THR D 69 -17.47 7.15 10.32
C THR D 69 -17.55 7.30 8.80
N ASP D 70 -16.68 8.10 8.20
CA ASP D 70 -16.69 8.38 6.78
C ASP D 70 -15.53 7.70 6.06
N PHE D 71 -15.79 7.29 4.83
CA PHE D 71 -14.78 6.66 3.98
C PHE D 71 -15.01 7.08 2.54
N THR D 72 -13.97 6.95 1.72
CA THR D 72 -14.03 7.37 0.33
C THR D 72 -13.27 6.37 -0.53
N PHE D 73 -13.72 6.23 -1.77
CA PHE D 73 -13.09 5.37 -2.76
C PHE D 73 -12.92 6.15 -4.05
N THR D 74 -11.78 5.94 -4.72
CA THR D 74 -11.41 6.77 -5.85
C THR D 74 -10.72 5.95 -6.92
N ILE D 75 -11.11 6.18 -8.16
CA ILE D 75 -10.45 5.62 -9.33
C ILE D 75 -9.80 6.77 -10.08
N SER D 76 -8.50 6.67 -10.32
CA SER D 76 -7.75 7.79 -10.88
C SER D 76 -8.11 8.01 -12.34
N SER D 77 -7.97 6.96 -13.16
CA SER D 77 -8.27 7.04 -14.58
C SER D 77 -9.23 5.91 -14.93
N LEU D 78 -10.52 6.26 -15.04
CA LEU D 78 -11.55 5.27 -15.32
C LEU D 78 -11.25 4.56 -16.63
N GLN D 79 -11.15 3.24 -16.56
CA GLN D 79 -10.88 2.44 -17.73
C GLN D 79 -12.11 1.60 -18.09
N PRO D 80 -12.30 1.27 -19.37
CA PRO D 80 -13.48 0.49 -19.75
C PRO D 80 -13.68 -0.78 -18.94
N GLU D 81 -12.59 -1.40 -18.48
CA GLU D 81 -12.70 -2.63 -17.68
C GLU D 81 -13.38 -2.39 -16.34
N ASP D 82 -13.37 -1.16 -15.83
CA ASP D 82 -13.81 -0.88 -14.47
C ASP D 82 -15.33 -0.81 -14.31
N ILE D 83 -16.10 -1.37 -15.26
CA ILE D 83 -17.53 -1.49 -15.08
C ILE D 83 -17.81 -2.55 -14.03
N ALA D 84 -18.54 -2.18 -12.99
CA ALA D 84 -18.88 -3.12 -11.92
C ALA D 84 -19.88 -2.44 -11.00
N THR D 85 -20.17 -3.11 -9.89
CA THR D 85 -20.92 -2.55 -8.77
C THR D 85 -20.04 -2.71 -7.55
N TYR D 86 -19.59 -1.60 -6.99
CA TYR D 86 -18.57 -1.60 -5.95
C TYR D 86 -19.24 -1.55 -4.58
N TYR D 87 -18.96 -2.55 -3.74
CA TYR D 87 -19.48 -2.64 -2.39
C TYR D 87 -18.39 -2.33 -1.39
N CYS D 88 -18.82 -1.88 -0.20
CA CYS D 88 -17.92 -1.66 0.93
C CYS D 88 -18.42 -2.47 2.12
N GLN D 89 -17.49 -3.14 2.80
CA GLN D 89 -17.78 -3.94 3.97
C GLN D 89 -17.00 -3.41 5.18
N GLN D 90 -17.37 -3.90 6.36
CA GLN D 90 -16.67 -3.54 7.60
C GLN D 90 -16.55 -4.79 8.44
N PHE D 91 -15.32 -5.23 8.70
CA PHE D 91 -15.07 -6.41 9.52
C PHE D 91 -14.91 -6.03 10.99
N ASP D 92 -16.02 -5.61 11.58
CA ASP D 92 -15.99 -5.22 12.99
C ASP D 92 -17.18 -5.78 13.76
N ASN D 93 -18.27 -5.01 13.85
CA ASN D 93 -19.45 -5.41 14.61
C ASN D 93 -20.21 -6.48 13.84
N LEU D 94 -20.10 -7.73 14.29
CA LEU D 94 -20.88 -8.82 13.73
C LEU D 94 -22.37 -8.49 13.85
N PRO D 95 -23.13 -8.44 12.76
CA PRO D 95 -22.75 -8.94 11.43
C PRO D 95 -21.92 -7.96 10.61
N TRP D 96 -20.88 -8.47 9.95
CA TRP D 96 -20.00 -7.64 9.12
C TRP D 96 -20.75 -7.18 7.88
N THR D 97 -21.57 -6.15 8.07
CA THR D 97 -22.47 -5.65 7.04
C THR D 97 -21.72 -5.18 5.80
N PHE D 98 -22.38 -5.36 4.65
CA PHE D 98 -21.87 -4.92 3.36
C PHE D 98 -22.51 -3.58 3.00
N GLY D 99 -22.09 -3.04 1.85
CA GLY D 99 -22.62 -1.79 1.38
C GLY D 99 -23.94 -1.96 0.65
N GLN D 100 -24.31 -0.90 -0.06
CA GLN D 100 -25.50 -0.92 -0.88
C GLN D 100 -25.20 -1.10 -2.37
N GLY D 101 -23.93 -0.99 -2.75
CA GLY D 101 -23.57 -1.17 -4.15
C GLY D 101 -23.62 0.09 -4.98
N THR D 102 -22.48 0.52 -5.50
CA THR D 102 -22.41 1.65 -6.41
C THR D 102 -22.12 1.12 -7.81
N LYS D 103 -23.08 1.29 -8.72
CA LYS D 103 -22.94 0.78 -10.08
C LYS D 103 -22.23 1.84 -10.92
N VAL D 104 -21.05 1.50 -11.43
CA VAL D 104 -20.28 2.36 -12.30
C VAL D 104 -20.52 1.94 -13.74
N GLU D 105 -20.75 2.92 -14.61
CA GLU D 105 -20.98 2.67 -16.03
C GLU D 105 -20.19 3.70 -16.81
N ILE D 106 -19.25 3.25 -17.64
CA ILE D 106 -18.42 4.15 -18.42
C ILE D 106 -19.12 4.42 -19.74
N ARG D 107 -19.39 5.69 -20.01
CA ARG D 107 -20.06 6.13 -21.23
C ARG D 107 -19.05 6.72 -22.19
N ARG D 108 -19.41 6.71 -23.47
CA ARG D 108 -18.46 7.09 -24.53
C ARG D 108 -19.26 7.45 -25.79
N THR D 109 -18.56 7.53 -26.92
CA THR D 109 -19.16 7.96 -28.17
C THR D 109 -20.34 7.07 -28.57
N VAL D 110 -21.08 7.54 -29.58
CA VAL D 110 -22.23 6.82 -30.10
C VAL D 110 -21.78 5.59 -30.90
N ALA D 111 -22.72 4.67 -31.10
CA ALA D 111 -22.47 3.46 -31.88
C ALA D 111 -23.80 2.96 -32.42
N ALA D 112 -23.77 2.51 -33.66
CA ALA D 112 -25.02 2.05 -34.27
C ALA D 112 -25.15 0.54 -34.17
N PRO D 113 -26.36 0.00 -34.02
CA PRO D 113 -26.51 -1.45 -33.89
C PRO D 113 -26.37 -2.18 -35.22
N SER D 114 -25.99 -3.45 -35.11
CA SER D 114 -25.93 -4.38 -36.23
C SER D 114 -27.10 -5.34 -36.09
N VAL D 115 -28.21 -5.02 -36.75
CA VAL D 115 -29.47 -5.72 -36.53
C VAL D 115 -29.53 -7.00 -37.35
N PHE D 116 -29.88 -8.11 -36.71
CA PHE D 116 -29.94 -9.44 -37.31
C PHE D 116 -31.30 -10.06 -37.05
N ILE D 117 -31.69 -11.00 -37.91
CA ILE D 117 -33.00 -11.64 -37.84
C ILE D 117 -32.84 -13.16 -37.79
N PHE D 118 -33.61 -13.79 -36.91
CA PHE D 118 -33.60 -15.25 -36.76
C PHE D 118 -35.01 -15.83 -36.92
N PRO D 119 -35.28 -16.59 -37.98
CA PRO D 119 -36.56 -17.30 -38.07
C PRO D 119 -36.64 -18.40 -37.03
N PRO D 120 -37.81 -19.00 -36.82
CA PRO D 120 -37.90 -20.11 -35.86
C PRO D 120 -37.27 -21.38 -36.42
N SER D 121 -36.82 -22.24 -35.51
CA SER D 121 -36.24 -23.52 -35.88
C SER D 121 -37.33 -24.54 -36.18
N ASP D 122 -37.05 -25.41 -37.17
CA ASP D 122 -38.01 -26.44 -37.56
C ASP D 122 -38.43 -27.30 -36.36
N GLU D 123 -37.50 -27.67 -35.49
CA GLU D 123 -37.86 -28.48 -34.33
C GLU D 123 -38.70 -27.69 -33.34
N GLN D 124 -38.62 -26.36 -33.36
CA GLN D 124 -39.45 -25.55 -32.48
C GLN D 124 -40.89 -25.52 -32.98
N LEU D 125 -41.09 -25.54 -34.30
CA LEU D 125 -42.43 -25.50 -34.85
C LEU D 125 -43.17 -26.80 -34.61
N LYS D 126 -42.46 -27.93 -34.67
CA LYS D 126 -43.10 -29.21 -34.40
C LYS D 126 -43.65 -29.30 -32.99
N SER D 127 -43.11 -28.49 -32.07
CA SER D 127 -43.65 -28.43 -30.72
C SER D 127 -44.97 -27.65 -30.68
N GLY D 128 -45.18 -26.74 -31.63
CA GLY D 128 -46.40 -25.97 -31.71
C GLY D 128 -46.26 -24.50 -31.38
N THR D 129 -45.05 -24.00 -31.15
CA THR D 129 -44.81 -22.59 -30.88
C THR D 129 -43.65 -22.11 -31.73
N ALA D 130 -43.84 -20.98 -32.41
CA ALA D 130 -42.80 -20.38 -33.25
C ALA D 130 -42.45 -19.01 -32.69
N SER D 131 -41.17 -18.80 -32.41
CA SER D 131 -40.68 -17.55 -31.84
C SER D 131 -39.58 -17.00 -32.73
N VAL D 132 -39.74 -15.75 -33.15
CA VAL D 132 -38.76 -15.06 -34.00
C VAL D 132 -37.92 -14.15 -33.13
N VAL D 133 -36.62 -14.13 -33.39
CA VAL D 133 -35.65 -13.39 -32.57
C VAL D 133 -35.02 -12.30 -33.43
N CYS D 134 -34.93 -11.10 -32.86
CA CYS D 134 -34.28 -9.96 -33.50
C CYS D 134 -33.10 -9.53 -32.64
N LEU D 135 -31.89 -9.55 -33.21
CA LEU D 135 -30.67 -9.28 -32.48
C LEU D 135 -29.98 -8.06 -33.06
N LEU D 136 -29.91 -6.99 -32.28
CA LEU D 136 -29.08 -5.83 -32.59
C LEU D 136 -27.99 -5.74 -31.51
N ASN D 137 -26.73 -5.88 -31.92
CA ASN D 137 -25.62 -6.02 -31.00
C ASN D 137 -24.59 -4.92 -31.22
N ASN D 138 -23.87 -4.60 -30.13
CA ASN D 138 -22.78 -3.63 -30.11
C ASN D 138 -23.23 -2.25 -30.55
N PHE D 139 -23.86 -1.52 -29.63
CA PHE D 139 -24.33 -0.17 -29.89
C PHE D 139 -24.33 0.64 -28.60
N TYR D 140 -24.34 1.96 -28.75
CA TYR D 140 -24.44 2.88 -27.62
C TYR D 140 -25.20 4.12 -28.07
N PRO D 141 -26.16 4.62 -27.27
CA PRO D 141 -26.50 4.13 -25.92
C PRO D 141 -27.49 2.98 -25.87
N ARG D 142 -27.93 2.64 -24.66
CA ARG D 142 -28.86 1.54 -24.46
C ARG D 142 -30.28 1.90 -24.90
N GLU D 143 -30.58 3.19 -25.06
CA GLU D 143 -31.91 3.63 -25.45
C GLU D 143 -32.17 3.18 -26.89
N ALA D 144 -32.87 2.07 -27.04
CA ALA D 144 -33.23 1.55 -28.35
C ALA D 144 -34.62 0.94 -28.30
N LYS D 145 -35.39 1.18 -29.37
CA LYS D 145 -36.76 0.68 -29.49
C LYS D 145 -36.81 -0.33 -30.63
N VAL D 146 -37.21 -1.56 -30.31
CA VAL D 146 -37.29 -2.65 -31.28
C VAL D 146 -38.76 -2.87 -31.58
N GLN D 147 -39.17 -2.61 -32.82
CA GLN D 147 -40.55 -2.68 -33.24
C GLN D 147 -40.71 -3.82 -34.25
N TRP D 148 -41.57 -4.78 -33.92
CA TRP D 148 -41.87 -5.89 -34.82
C TRP D 148 -42.93 -5.49 -35.84
N LYS D 149 -42.85 -6.12 -37.01
CA LYS D 149 -43.76 -5.81 -38.11
C LYS D 149 -44.10 -7.11 -38.84
N VAL D 150 -45.37 -7.50 -38.79
CA VAL D 150 -45.87 -8.68 -39.48
C VAL D 150 -46.90 -8.22 -40.50
N ASP D 151 -46.71 -8.63 -41.76
CA ASP D 151 -47.50 -8.12 -42.88
C ASP D 151 -47.54 -6.60 -42.86
N ASN D 152 -46.36 -6.00 -42.64
CA ASN D 152 -46.19 -4.55 -42.59
C ASN D 152 -47.19 -3.90 -41.63
N ALA D 153 -47.33 -4.50 -40.46
CA ALA D 153 -48.18 -3.91 -39.42
C ALA D 153 -47.33 -3.51 -38.22
N LEU D 154 -47.75 -3.93 -37.03
CA LEU D 154 -47.04 -3.63 -35.81
C LEU D 154 -47.39 -4.71 -34.79
N GLN D 155 -46.49 -4.91 -33.83
CA GLN D 155 -46.67 -5.97 -32.84
C GLN D 155 -46.33 -5.39 -31.48
N SER D 156 -47.33 -5.31 -30.60
CA SER D 156 -47.13 -4.75 -29.27
C SER D 156 -46.25 -5.66 -28.41
N GLN D 160 -46.90 -8.97 -26.69
CA GLN D 160 -46.19 -10.17 -27.11
C GLN D 160 -44.71 -9.87 -27.38
N GLU D 161 -44.02 -9.35 -26.36
CA GLU D 161 -42.64 -8.91 -26.53
C GLU D 161 -41.82 -9.28 -25.29
N SER D 162 -40.51 -9.45 -25.50
CA SER D 162 -39.58 -9.69 -24.39
C SER D 162 -38.18 -9.34 -24.88
N VAL D 163 -37.52 -8.41 -24.19
CA VAL D 163 -36.18 -7.96 -24.57
C VAL D 163 -35.20 -8.18 -23.42
N THR D 164 -33.95 -8.48 -23.77
CA THR D 164 -32.85 -8.63 -22.82
C THR D 164 -31.81 -7.54 -23.08
N GLU D 165 -30.97 -7.27 -22.07
CA GLU D 165 -29.90 -6.29 -22.22
C GLU D 165 -28.63 -6.82 -21.58
N GLN D 166 -27.49 -6.23 -21.96
CA GLN D 166 -26.21 -6.65 -21.41
C GLN D 166 -25.17 -5.55 -21.60
N ASP D 167 -24.25 -5.44 -20.63
CA ASP D 167 -23.18 -4.43 -20.69
C ASP D 167 -22.03 -4.91 -21.56
N SER D 168 -20.81 -4.46 -21.28
CA SER D 168 -19.66 -4.90 -22.07
C SER D 168 -18.37 -4.49 -21.35
N LYS D 169 -17.25 -4.74 -22.03
CA LYS D 169 -15.92 -4.37 -21.59
C LYS D 169 -15.35 -3.21 -22.41
N ASP D 170 -15.85 -3.04 -23.63
CA ASP D 170 -15.57 -1.89 -24.48
C ASP D 170 -16.75 -0.93 -24.49
N SER D 171 -17.66 -1.11 -23.54
CA SER D 171 -18.87 -0.30 -23.35
C SER D 171 -19.69 -0.16 -24.63
N THR D 172 -20.09 -1.31 -25.17
CA THR D 172 -21.03 -1.39 -26.27
C THR D 172 -22.12 -2.37 -25.88
N TYR D 173 -23.36 -1.94 -25.94
CA TYR D 173 -24.46 -2.78 -25.46
C TYR D 173 -25.08 -3.60 -26.59
N SER D 174 -25.76 -4.67 -26.20
CA SER D 174 -26.38 -5.60 -27.15
C SER D 174 -27.71 -6.10 -26.58
N LEU D 175 -28.74 -6.14 -27.42
CA LEU D 175 -30.08 -6.53 -27.00
C LEU D 175 -30.69 -7.49 -28.02
N SER D 176 -31.61 -8.33 -27.53
CA SER D 176 -32.30 -9.30 -28.37
C SER D 176 -33.78 -9.31 -28.04
N SER D 177 -34.62 -9.25 -29.07
CA SER D 177 -36.07 -9.26 -28.92
C SER D 177 -36.66 -10.53 -29.53
N THR D 178 -37.61 -11.14 -28.82
CA THR D 178 -38.25 -12.37 -29.26
C THR D 178 -39.75 -12.18 -29.36
N LEU D 179 -40.33 -12.66 -30.46
CA LEU D 179 -41.77 -12.59 -30.71
C LEU D 179 -42.32 -14.02 -30.73
N THR D 180 -43.06 -14.39 -29.68
CA THR D 180 -43.56 -15.74 -29.50
C THR D 180 -45.03 -15.82 -29.85
N LEU D 181 -45.37 -16.71 -30.79
CA LEU D 181 -46.74 -16.93 -31.21
C LEU D 181 -46.99 -18.42 -31.40
N SER D 182 -48.26 -18.78 -31.55
CA SER D 182 -48.65 -20.18 -31.68
C SER D 182 -48.19 -20.76 -33.03
N LYS D 183 -48.39 -22.08 -33.17
CA LYS D 183 -48.05 -22.75 -34.42
C LYS D 183 -48.82 -22.16 -35.59
N ALA D 184 -50.12 -21.92 -35.41
CA ALA D 184 -50.96 -21.46 -36.52
C ALA D 184 -50.62 -20.02 -36.91
N ASP D 185 -50.56 -19.12 -35.92
CA ASP D 185 -50.34 -17.70 -36.19
C ASP D 185 -49.05 -17.45 -36.97
N TYR D 186 -48.03 -18.31 -36.81
CA TYR D 186 -46.79 -18.09 -37.56
C TYR D 186 -47.01 -18.29 -39.05
N GLU D 187 -47.65 -19.39 -39.44
CA GLU D 187 -47.89 -19.67 -40.85
C GLU D 187 -48.93 -18.74 -41.46
N LYS D 188 -49.66 -17.98 -40.64
CA LYS D 188 -50.69 -17.06 -41.13
C LYS D 188 -50.15 -15.73 -41.62
N HIS D 189 -48.83 -15.53 -41.60
CA HIS D 189 -48.23 -14.27 -42.04
C HIS D 189 -46.96 -14.59 -42.81
N LYS D 190 -46.79 -13.98 -43.98
CA LYS D 190 -45.68 -14.32 -44.85
C LYS D 190 -44.60 -13.25 -44.90
N VAL D 191 -44.64 -12.29 -43.98
CA VAL D 191 -43.63 -11.25 -43.87
C VAL D 191 -43.42 -10.95 -42.39
N TYR D 192 -42.21 -11.23 -41.89
CA TYR D 192 -41.84 -10.92 -40.52
C TYR D 192 -40.61 -10.01 -40.55
N ALA D 193 -40.65 -8.95 -39.75
CA ALA D 193 -39.57 -7.97 -39.72
C ALA D 193 -39.55 -7.27 -38.38
N CYS D 194 -38.36 -6.80 -38.00
CA CYS D 194 -38.18 -5.96 -36.83
C CYS D 194 -37.49 -4.67 -37.26
N GLU D 195 -38.16 -3.55 -37.05
CA GLU D 195 -37.58 -2.24 -37.35
C GLU D 195 -37.04 -1.66 -36.05
N VAL D 196 -35.81 -1.17 -36.10
CA VAL D 196 -35.15 -0.68 -34.91
C VAL D 196 -34.85 0.81 -35.09
N THR D 197 -34.87 1.53 -33.99
CA THR D 197 -34.59 2.95 -33.97
C THR D 197 -33.55 3.22 -32.90
N HIS D 198 -32.45 3.85 -33.29
CA HIS D 198 -31.38 4.15 -32.36
C HIS D 198 -30.71 5.46 -32.73
N GLN D 199 -30.24 6.18 -31.71
CA GLN D 199 -29.45 7.37 -31.96
C GLN D 199 -28.15 6.98 -32.64
N GLY D 200 -27.83 7.63 -33.75
CA GLY D 200 -26.69 7.23 -34.54
C GLY D 200 -27.04 6.34 -35.71
N LEU D 201 -28.29 5.90 -35.81
CA LEU D 201 -28.80 5.16 -36.96
C LEU D 201 -29.54 6.17 -37.83
N SER D 202 -28.91 6.57 -38.94
CA SER D 202 -29.46 7.61 -39.81
C SER D 202 -30.92 7.35 -40.16
N SER D 203 -31.23 6.13 -40.60
CA SER D 203 -32.59 5.77 -40.92
C SER D 203 -32.91 4.43 -40.27
N PRO D 204 -34.13 4.26 -39.76
CA PRO D 204 -34.50 2.97 -39.15
C PRO D 204 -34.24 1.83 -40.12
N VAL D 205 -33.73 0.72 -39.58
CA VAL D 205 -33.33 -0.44 -40.38
C VAL D 205 -34.31 -1.56 -40.12
N THR D 206 -35.09 -1.90 -41.14
CA THR D 206 -36.06 -2.99 -41.06
C THR D 206 -35.43 -4.23 -41.69
N LYS D 207 -35.25 -5.27 -40.89
CA LYS D 207 -34.70 -6.54 -41.37
C LYS D 207 -35.84 -7.54 -41.41
N SER D 208 -36.18 -7.99 -42.62
CA SER D 208 -37.37 -8.80 -42.84
C SER D 208 -36.99 -10.19 -43.32
N PHE D 209 -37.96 -11.10 -43.20
CA PHE D 209 -37.80 -12.45 -43.72
C PHE D 209 -39.19 -13.02 -43.96
N ASN D 210 -39.32 -13.79 -45.04
CA ASN D 210 -40.57 -14.45 -45.39
C ASN D 210 -40.47 -15.93 -45.08
N ARG D 211 -41.61 -16.59 -44.97
CA ARG D 211 -41.62 -17.98 -44.52
C ARG D 211 -41.16 -18.95 -45.59
N GLY D 212 -40.23 -18.55 -46.44
CA GLY D 212 -39.69 -19.43 -47.47
C GLY D 212 -38.18 -19.55 -47.41
N GLU E 1 26.67 23.28 15.00
CA GLU E 1 25.91 22.43 15.89
C GLU E 1 25.01 21.49 15.11
N VAL E 2 24.81 21.78 13.82
CA VAL E 2 23.90 20.98 13.00
C VAL E 2 24.53 19.62 12.74
N GLN E 3 23.75 18.56 12.95
CA GLN E 3 24.22 17.19 12.83
C GLN E 3 23.04 16.25 12.92
N LEU E 4 23.04 15.25 12.05
CA LEU E 4 22.05 14.16 12.09
C LEU E 4 22.85 12.87 12.24
N LEU E 5 23.06 12.44 13.48
CA LEU E 5 23.78 11.21 13.75
C LEU E 5 22.84 10.02 13.76
N GLU E 6 23.30 8.91 13.18
CA GLU E 6 22.48 7.74 12.97
C GLU E 6 23.04 6.55 13.74
N SER E 7 22.19 5.88 14.50
CA SER E 7 22.54 4.68 15.24
C SER E 7 21.75 3.52 14.67
N GLY E 8 22.39 2.72 13.81
CA GLY E 8 21.69 1.63 13.16
C GLY E 8 22.34 0.27 13.30
N GLY E 9 21.58 -0.78 13.04
CA GLY E 9 22.11 -2.12 13.03
C GLY E 9 22.84 -2.45 11.73
N GLY E 10 23.64 -3.51 11.79
CA GLY E 10 24.42 -3.95 10.64
C GLY E 10 23.93 -5.23 9.99
N LEU E 11 23.65 -6.26 10.79
CA LEU E 11 23.25 -7.56 10.28
C LEU E 11 22.10 -8.11 11.10
N VAL E 12 21.12 -8.72 10.42
CA VAL E 12 19.91 -9.22 11.08
C VAL E 12 19.51 -10.59 10.55
N GLN E 13 20.00 -10.94 9.36
CA GLN E 13 19.67 -12.16 8.62
C GLN E 13 18.25 -12.09 8.09
N PRO E 14 17.93 -12.77 6.99
CA PRO E 14 16.61 -12.66 6.39
C PRO E 14 15.49 -13.02 7.36
N GLY E 15 14.31 -12.47 7.09
CA GLY E 15 13.16 -12.67 7.95
C GLY E 15 13.33 -12.17 9.37
N GLY E 16 14.16 -11.14 9.56
CA GLY E 16 14.43 -10.60 10.86
C GLY E 16 13.85 -9.21 11.06
N SER E 17 14.23 -8.60 12.17
CA SER E 17 13.77 -7.26 12.53
C SER E 17 14.95 -6.42 12.99
N LEU E 18 14.86 -5.12 12.75
CA LEU E 18 15.87 -4.16 13.19
C LEU E 18 15.17 -2.85 13.51
N ARG E 19 15.93 -1.87 13.97
CA ARG E 19 15.38 -0.55 14.28
C ARG E 19 16.50 0.47 14.19
N LEU E 20 16.36 1.42 13.27
CA LEU E 20 17.35 2.46 13.07
C LEU E 20 17.08 3.64 13.99
N SER E 21 18.09 4.51 14.12
CA SER E 21 17.97 5.70 14.94
C SER E 21 18.61 6.87 14.20
N CYS E 22 18.13 8.07 14.52
CA CYS E 22 18.56 9.30 13.86
C CYS E 22 18.62 10.36 14.96
N ALA E 23 19.76 10.43 15.65
CA ALA E 23 19.97 11.40 16.72
C ALA E 23 20.29 12.76 16.10
N ALA E 24 19.44 13.75 16.38
CA ALA E 24 19.52 15.03 15.70
C ALA E 24 20.30 16.05 16.52
N SER E 25 20.84 17.04 15.81
CA SER E 25 21.55 18.16 16.40
C SER E 25 21.49 19.31 15.41
N GLY E 26 21.09 20.48 15.88
CA GLY E 26 20.87 21.60 14.99
C GLY E 26 19.50 21.66 14.40
N VAL E 27 18.69 20.61 14.55
CA VAL E 27 17.32 20.56 14.10
C VAL E 27 16.47 19.99 15.24
N THR E 28 15.17 19.87 14.98
CA THR E 28 14.25 19.26 15.93
C THR E 28 13.31 18.34 15.17
N VAL E 29 13.24 17.09 15.62
CA VAL E 29 12.51 16.06 14.87
C VAL E 29 11.00 16.25 15.03
N THR E 30 10.54 16.55 16.24
CA THR E 30 9.10 16.59 16.51
C THR E 30 8.39 17.72 15.75
N SER E 31 9.13 18.71 15.24
CA SER E 31 8.52 19.85 14.56
C SER E 31 9.14 20.05 13.17
N ASN E 32 9.35 18.96 12.44
CA ASN E 32 9.98 19.05 11.13
C ASN E 32 9.56 17.87 10.27
N TYR E 33 9.58 18.08 8.95
CA TYR E 33 9.42 16.98 8.01
C TYR E 33 10.69 16.14 8.02
N MET E 34 10.59 14.92 8.50
CA MET E 34 11.74 14.01 8.54
C MET E 34 11.45 12.81 7.66
N SER E 35 12.43 12.43 6.85
CA SER E 35 12.27 11.35 5.88
C SER E 35 13.52 10.49 5.87
N TRP E 36 13.37 9.25 5.42
CA TRP E 36 14.45 8.29 5.28
C TRP E 36 14.67 7.99 3.80
N VAL E 37 15.93 7.99 3.36
CA VAL E 37 16.28 7.71 1.98
C VAL E 37 17.46 6.76 1.96
N ARG E 38 17.30 5.62 1.31
CA ARG E 38 18.33 4.58 1.28
C ARG E 38 18.96 4.47 -0.10
N GLN E 39 20.23 4.07 -0.11
CA GLN E 39 20.97 3.83 -1.34
C GLN E 39 21.42 2.38 -1.33
N ALA E 40 20.78 1.54 -2.16
CA ALA E 40 21.21 0.17 -2.31
C ALA E 40 22.64 0.13 -2.85
N PRO E 41 23.35 -1.01 -2.72
CA PRO E 41 24.72 -1.09 -3.26
C PRO E 41 24.82 -0.86 -4.77
N GLY E 42 23.78 -0.32 -5.40
CA GLY E 42 23.79 -0.06 -6.83
C GLY E 42 23.85 1.41 -7.20
N LYS E 43 24.34 2.22 -6.27
CA LYS E 43 24.54 3.66 -6.46
C LYS E 43 23.30 4.35 -7.05
N GLY E 44 22.18 4.15 -6.37
CA GLY E 44 20.92 4.77 -6.76
C GLY E 44 20.08 5.11 -5.54
N LEU E 45 19.65 6.37 -5.41
CA LEU E 45 18.90 6.74 -4.22
C LEU E 45 17.43 6.35 -4.38
N GLU E 46 16.79 6.06 -3.26
CA GLU E 46 15.39 5.66 -3.24
C GLU E 46 14.72 6.24 -2.00
N TRP E 47 13.55 6.82 -2.18
CA TRP E 47 12.82 7.37 -1.06
C TRP E 47 12.14 6.23 -0.30
N VAL E 48 12.21 6.30 1.03
CA VAL E 48 11.66 5.21 1.84
C VAL E 48 10.37 5.68 2.51
N SER E 49 10.47 6.61 3.45
CA SER E 49 9.30 7.01 4.22
C SER E 49 9.47 8.41 4.77
N VAL E 50 8.37 8.95 5.33
CA VAL E 50 8.33 10.28 5.93
C VAL E 50 7.33 10.23 7.09
N ILE E 51 7.44 11.17 8.02
CA ILE E 51 6.49 11.27 9.13
C ILE E 51 5.82 12.62 9.25
N TYR E 52 6.20 13.63 8.46
CA TYR E 52 5.65 14.97 8.62
C TYR E 52 5.94 15.52 10.01
N SER E 53 5.33 16.64 10.38
CA SER E 53 5.47 17.16 11.73
C SER E 53 4.33 16.72 12.64
N GLY E 54 3.09 16.87 12.18
CA GLY E 54 1.91 16.56 12.95
C GLY E 54 1.56 15.10 13.04
N GLY E 55 2.45 14.22 12.59
CA GLY E 55 2.28 12.78 12.70
C GLY E 55 1.38 12.19 11.65
N SER E 56 1.83 12.27 10.39
CA SER E 56 1.19 11.57 9.28
C SER E 56 2.28 10.81 8.54
N THR E 57 2.16 9.49 8.51
CA THR E 57 3.18 8.61 7.98
C THR E 57 2.89 8.27 6.53
N TYR E 58 3.91 8.38 5.68
CA TYR E 58 3.82 7.96 4.28
C TYR E 58 5.07 7.15 3.92
N TYR E 59 4.86 5.95 3.37
CA TYR E 59 5.95 5.04 3.05
C TYR E 59 5.92 4.73 1.57
N ALA E 60 7.07 4.31 1.05
CA ALA E 60 7.10 3.81 -0.31
C ALA E 60 6.35 2.48 -0.39
N ASP E 61 5.95 2.12 -1.62
CA ASP E 61 5.20 0.89 -1.78
C ASP E 61 6.05 -0.33 -1.47
N SER E 62 7.36 -0.26 -1.75
CA SER E 62 8.22 -1.42 -1.51
C SER E 62 8.39 -1.71 -0.03
N VAL E 63 8.15 -0.74 0.85
CA VAL E 63 8.30 -0.97 2.28
C VAL E 63 7.03 -0.55 3.01
N LYS E 64 5.88 -0.84 2.41
CA LYS E 64 4.64 -0.28 2.94
C LYS E 64 4.18 -1.00 4.19
N GLY E 65 4.00 -2.31 4.11
CA GLY E 65 3.51 -3.03 5.26
C GLY E 65 4.57 -3.62 6.15
N ARG E 66 5.84 -3.37 5.89
CA ARG E 66 6.91 -3.93 6.69
C ARG E 66 7.59 -2.91 7.59
N PHE E 67 7.75 -1.67 7.12
CA PHE E 67 8.49 -0.66 7.84
C PHE E 67 7.55 0.28 8.60
N THR E 68 8.12 1.00 9.56
CA THR E 68 7.36 1.92 10.38
C THR E 68 8.31 2.96 10.96
N ILE E 69 7.89 4.23 10.93
CA ILE E 69 8.68 5.33 11.46
C ILE E 69 8.09 5.77 12.80
N SER E 70 8.97 6.04 13.75
CA SER E 70 8.55 6.53 15.06
C SER E 70 9.49 7.66 15.45
N ARG E 71 9.11 8.42 16.47
CA ARG E 71 9.95 9.50 16.96
C ARG E 71 9.78 9.63 18.45
N HIS E 72 10.84 10.08 19.10
CA HIS E 72 10.81 10.43 20.52
C HIS E 72 11.50 11.77 20.63
N ASN E 73 10.74 12.81 21.03
CA ASN E 73 11.38 14.10 21.24
C ASN E 73 12.04 14.18 22.60
N SER E 74 11.77 13.21 23.47
CA SER E 74 12.47 13.12 24.74
C SER E 74 13.97 13.06 24.50
N LYS E 75 14.40 12.23 23.54
CA LYS E 75 15.79 12.15 23.15
C LYS E 75 16.02 12.77 21.77
N ASN E 76 15.01 13.40 21.20
CA ASN E 76 15.07 14.00 19.86
C ASN E 76 15.71 13.05 18.85
N THR E 77 15.13 11.86 18.77
CA THR E 77 15.63 10.81 17.90
C THR E 77 14.50 10.34 16.98
N LEU E 78 14.89 9.87 15.81
CA LEU E 78 13.96 9.33 14.83
C LEU E 78 14.31 7.86 14.59
N TYR E 79 13.29 7.01 14.44
CA TYR E 79 13.50 5.58 14.31
C TYR E 79 12.80 5.06 13.06
N LEU E 80 13.28 3.91 12.59
CA LEU E 80 12.65 3.18 11.49
C LEU E 80 12.61 1.69 11.84
N GLN E 81 11.47 1.24 12.35
CA GLN E 81 11.30 -0.18 12.68
C GLN E 81 11.16 -0.99 11.40
N MET E 82 12.16 -1.84 11.12
CA MET E 82 12.18 -2.62 9.89
C MET E 82 11.82 -4.07 10.21
N ASN E 83 10.53 -4.30 10.37
CA ASN E 83 10.04 -5.64 10.60
C ASN E 83 9.89 -6.38 9.28
N SER E 84 9.81 -7.72 9.38
CA SER E 84 9.64 -8.59 8.21
C SER E 84 10.67 -8.26 7.13
N LEU E 85 11.91 -8.04 7.56
CA LEU E 85 12.95 -7.60 6.63
C LEU E 85 13.16 -8.62 5.52
N ARG E 86 13.60 -8.12 4.38
CA ARG E 86 13.74 -8.96 3.20
C ARG E 86 15.20 -9.16 2.83
N ALA E 87 15.50 -9.08 1.52
CA ALA E 87 16.84 -9.28 1.01
C ALA E 87 17.35 -8.09 0.21
N GLU E 88 16.55 -7.59 -0.74
CA GLU E 88 16.94 -6.37 -1.45
C GLU E 88 16.97 -5.16 -0.52
N ASP E 89 16.44 -5.28 0.69
CA ASP E 89 16.46 -4.18 1.66
C ASP E 89 17.89 -3.77 2.04
N THR E 90 18.89 -4.59 1.73
CA THR E 90 20.28 -4.21 1.92
C THR E 90 20.58 -2.88 1.26
N ALA E 91 20.99 -1.91 2.07
CA ALA E 91 21.26 -0.56 1.59
C ALA E 91 21.86 0.23 2.74
N VAL E 92 22.52 1.32 2.41
CA VAL E 92 22.87 2.32 3.40
C VAL E 92 21.68 3.26 3.55
N TYR E 93 21.31 3.55 4.80
CA TYR E 93 20.10 4.29 5.10
C TYR E 93 20.45 5.66 5.66
N TYR E 94 19.87 6.70 5.07
CA TYR E 94 20.09 8.09 5.48
C TYR E 94 18.77 8.69 5.95
N CYS E 95 18.83 9.49 7.00
CA CYS E 95 17.70 10.32 7.41
C CYS E 95 17.99 11.77 7.05
N ALA E 96 16.93 12.50 6.71
CA ALA E 96 17.07 13.90 6.29
C ALA E 96 15.81 14.66 6.66
N ARG E 97 15.94 15.98 6.66
CA ARG E 97 14.85 16.90 7.00
C ARG E 97 14.44 17.65 5.73
N ASP E 98 13.34 17.21 5.12
CA ASP E 98 12.89 17.74 3.83
C ASP E 98 12.03 18.97 4.07
N LEU E 99 12.63 20.15 3.98
CA LEU E 99 11.87 21.38 4.10
C LEU E 99 10.97 21.65 2.89
N ARG E 100 10.91 20.74 1.93
CA ARG E 100 10.08 20.89 0.74
C ARG E 100 10.31 22.19 -0.02
N GLU E 101 9.31 23.08 -0.02
CA GLU E 101 9.37 24.31 -0.83
C GLU E 101 10.18 25.42 -0.17
N ALA E 102 10.93 25.12 0.88
CA ALA E 102 11.76 26.13 1.54
C ALA E 102 13.15 25.54 1.77
N GLY E 103 13.68 24.90 0.75
CA GLY E 103 14.84 24.03 0.90
C GLY E 103 14.43 22.57 0.88
N GLY E 104 15.33 21.73 0.38
CA GLY E 104 14.93 20.33 0.28
C GLY E 104 15.93 19.36 0.84
N MET E 105 15.60 18.76 1.98
CA MET E 105 16.51 17.88 2.69
C MET E 105 17.85 18.60 2.91
N ASP E 106 17.75 19.75 3.58
CA ASP E 106 18.92 20.60 3.79
C ASP E 106 19.99 19.86 4.59
N VAL E 107 19.61 19.21 5.68
CA VAL E 107 20.53 18.50 6.55
C VAL E 107 20.33 17.00 6.35
N TRP E 108 21.45 16.27 6.27
CA TRP E 108 21.48 14.84 6.01
C TRP E 108 22.25 14.12 7.11
N GLY E 109 21.94 12.84 7.26
CA GLY E 109 22.69 11.98 8.16
C GLY E 109 24.04 11.62 7.58
N GLN E 110 24.65 10.54 8.07
CA GLN E 110 25.94 10.12 7.55
C GLN E 110 25.91 8.75 6.90
N GLY E 111 24.96 7.89 7.28
CA GLY E 111 24.82 6.60 6.64
C GLY E 111 25.12 5.43 7.57
N THR E 112 24.13 4.58 7.78
CA THR E 112 24.29 3.33 8.52
C THR E 112 23.85 2.19 7.62
N THR E 113 24.80 1.39 7.18
CA THR E 113 24.49 0.32 6.24
C THR E 113 23.80 -0.83 6.95
N VAL E 114 22.76 -1.37 6.31
CA VAL E 114 22.05 -2.55 6.79
C VAL E 114 22.28 -3.67 5.78
N THR E 115 22.88 -4.75 6.24
CA THR E 115 23.11 -5.94 5.43
C THR E 115 22.24 -7.08 5.93
N VAL E 116 21.54 -7.74 5.01
CA VAL E 116 20.68 -8.87 5.34
C VAL E 116 21.20 -10.08 4.58
N SER E 117 21.59 -11.11 5.32
CA SER E 117 22.13 -12.33 4.74
C SER E 117 22.16 -13.40 5.83
N SER E 118 21.98 -14.64 5.41
CA SER E 118 21.90 -15.76 6.37
C SER E 118 23.23 -16.06 7.05
N ALA E 119 24.32 -15.36 6.68
CA ALA E 119 25.61 -15.62 7.30
C ALA E 119 25.65 -15.02 8.72
N SER E 120 26.81 -15.10 9.35
CA SER E 120 27.00 -14.60 10.70
C SER E 120 28.12 -13.57 10.72
N THR E 121 28.16 -12.78 11.79
CA THR E 121 29.11 -11.68 11.87
C THR E 121 30.53 -12.21 12.04
N LYS E 122 31.48 -11.49 11.45
CA LYS E 122 32.90 -11.85 11.54
C LYS E 122 33.71 -10.59 11.78
N GLY E 123 34.48 -10.57 12.86
CA GLY E 123 35.34 -9.45 13.18
C GLY E 123 36.58 -9.43 12.32
N PRO E 124 37.20 -8.26 12.20
CA PRO E 124 38.37 -8.11 11.32
C PRO E 124 39.67 -8.51 12.02
N SER E 125 40.76 -8.42 11.25
CA SER E 125 42.12 -8.65 11.75
C SER E 125 43.02 -7.62 11.07
N VAL E 126 43.33 -6.55 11.80
CA VAL E 126 44.01 -5.38 11.22
C VAL E 126 45.51 -5.59 11.33
N PHE E 127 46.14 -5.96 10.20
CA PHE E 127 47.58 -6.09 10.06
C PHE E 127 48.17 -4.81 9.50
N PRO E 128 49.42 -4.48 9.85
CA PRO E 128 50.02 -3.23 9.40
C PRO E 128 50.81 -3.35 8.11
N LEU E 129 50.67 -2.33 7.25
CA LEU E 129 51.47 -2.19 6.04
C LEU E 129 52.64 -1.28 6.39
N ALA E 130 53.77 -1.89 6.74
CA ALA E 130 54.87 -1.15 7.33
C ALA E 130 55.53 -0.21 6.32
N PRO E 131 56.13 0.89 6.78
CA PRO E 131 56.83 1.82 5.87
C PRO E 131 58.26 1.38 5.64
N SER E 132 58.68 1.31 4.38
CA SER E 132 60.03 0.87 4.06
C SER E 132 60.49 1.56 2.78
N SER E 133 61.74 1.30 2.41
CA SER E 133 62.33 1.88 1.20
C SER E 133 63.60 1.12 0.82
N SER E 137 66.72 7.35 -1.73
CA SER E 137 65.44 7.60 -1.08
C SER E 137 64.55 8.50 -1.94
N GLY E 138 63.85 9.44 -1.31
CA GLY E 138 62.89 10.29 -2.03
C GLY E 138 61.55 9.63 -2.24
N GLY E 139 61.53 8.44 -2.85
CA GLY E 139 60.32 7.66 -3.02
C GLY E 139 60.40 6.41 -2.18
N THR E 140 59.48 6.26 -1.23
CA THR E 140 59.49 5.14 -0.29
C THR E 140 58.11 4.50 -0.24
N ALA E 141 58.06 3.30 0.33
CA ALA E 141 56.78 2.64 0.57
C ALA E 141 56.11 3.33 1.76
N ALA E 142 54.86 3.74 1.57
CA ALA E 142 54.16 4.55 2.56
C ALA E 142 53.64 3.65 3.68
N LEU E 143 52.80 4.21 4.54
CA LEU E 143 52.20 3.45 5.62
C LEU E 143 50.74 3.14 5.34
N GLY E 144 50.25 2.08 5.97
CA GLY E 144 48.88 1.66 5.80
C GLY E 144 48.60 0.48 6.71
N CYS E 145 47.36 0.01 6.65
CA CYS E 145 46.99 -1.15 7.44
C CYS E 145 45.88 -1.91 6.75
N LEU E 146 45.99 -3.24 6.79
CA LEU E 146 45.10 -4.15 6.09
C LEU E 146 44.03 -4.68 7.03
N VAL E 147 42.78 -4.43 6.70
CA VAL E 147 41.65 -4.92 7.48
C VAL E 147 41.15 -6.16 6.77
N LYS E 148 41.71 -7.32 7.13
CA LYS E 148 41.45 -8.57 6.43
C LYS E 148 40.41 -9.39 7.17
N ASP E 149 39.66 -10.19 6.40
CA ASP E 149 38.71 -11.17 6.94
C ASP E 149 37.68 -10.54 7.87
N TYR E 150 36.64 -9.92 7.31
CA TYR E 150 35.58 -9.38 8.13
C TYR E 150 34.26 -9.50 7.38
N PHE E 151 33.17 -9.39 8.14
CA PHE E 151 31.81 -9.49 7.62
C PHE E 151 30.84 -9.05 8.73
N PRO E 152 29.84 -8.22 8.42
CA PRO E 152 29.59 -7.68 7.08
C PRO E 152 30.23 -6.33 6.84
N GLU E 153 29.89 -5.71 5.71
CA GLU E 153 30.29 -4.35 5.46
C GLU E 153 29.53 -3.39 6.37
N PRO E 154 30.11 -2.22 6.70
CA PRO E 154 31.43 -1.78 6.27
C PRO E 154 32.42 -1.68 7.41
N VAL E 155 33.67 -1.37 7.07
CA VAL E 155 34.65 -0.96 8.06
C VAL E 155 35.09 0.45 7.72
N THR E 156 35.47 1.20 8.76
CA THR E 156 35.91 2.59 8.60
C THR E 156 37.26 2.75 9.26
N VAL E 157 38.25 3.24 8.51
CA VAL E 157 39.61 3.39 8.99
C VAL E 157 39.93 4.87 9.06
N SER E 158 40.36 5.32 10.24
CA SER E 158 40.84 6.67 10.44
C SER E 158 42.27 6.62 10.96
N TRP E 159 42.95 7.76 10.90
CA TRP E 159 44.36 7.84 11.28
C TRP E 159 44.56 8.94 12.32
N ASN E 160 45.16 8.57 13.45
CA ASN E 160 45.41 9.50 14.55
C ASN E 160 44.12 10.15 15.03
N SER E 161 43.07 9.34 15.18
CA SER E 161 41.78 9.75 15.72
C SER E 161 41.04 10.72 14.82
N GLY E 162 41.74 11.34 13.86
CA GLY E 162 41.07 12.25 12.95
C GLY E 162 41.86 13.48 12.55
N ALA E 163 43.17 13.46 12.75
CA ALA E 163 44.02 14.59 12.40
C ALA E 163 44.90 14.34 11.18
N LEU E 164 44.85 13.15 10.60
CA LEU E 164 45.59 12.85 9.38
C LEU E 164 44.58 12.36 8.34
N THR E 165 44.27 13.23 7.38
CA THR E 165 43.26 12.94 6.37
C THR E 165 43.70 13.40 4.98
N SER E 166 45.00 13.50 4.74
CA SER E 166 45.51 14.01 3.47
C SER E 166 45.58 12.94 2.39
N GLY E 167 46.75 12.30 2.25
CA GLY E 167 46.92 11.27 1.26
C GLY E 167 46.30 9.93 1.62
N VAL E 168 45.19 9.94 2.34
CA VAL E 168 44.55 8.71 2.77
C VAL E 168 43.63 8.20 1.67
N HIS E 169 43.88 6.98 1.21
CA HIS E 169 43.10 6.30 0.17
C HIS E 169 42.60 4.97 0.71
N THR E 170 41.57 5.02 1.55
CA THR E 170 40.94 3.81 2.05
C THR E 170 40.23 3.12 0.89
N PHE E 171 40.89 2.12 0.30
CA PHE E 171 40.36 1.44 -0.87
C PHE E 171 39.01 0.79 -0.57
N PRO E 172 38.20 0.56 -1.60
CA PRO E 172 36.94 -0.17 -1.39
C PRO E 172 37.21 -1.61 -1.03
N ALA E 173 36.16 -2.26 -0.55
CA ALA E 173 36.31 -3.62 -0.04
C ALA E 173 36.28 -4.62 -1.18
N VAL E 174 36.93 -5.75 -0.96
CA VAL E 174 36.90 -6.88 -1.88
C VAL E 174 36.35 -8.07 -1.12
N LEU E 175 35.57 -8.90 -1.82
CA LEU E 175 35.03 -10.11 -1.23
C LEU E 175 36.05 -11.23 -1.41
N GLN E 176 36.68 -11.62 -0.31
CA GLN E 176 37.66 -12.70 -0.35
C GLN E 176 36.99 -14.00 -0.81
N SER E 177 37.83 -14.98 -1.16
CA SER E 177 37.31 -16.27 -1.61
C SER E 177 36.57 -17.01 -0.50
N SER E 178 36.76 -16.62 0.76
CA SER E 178 36.11 -17.26 1.90
C SER E 178 34.77 -16.62 2.23
N GLY E 179 34.22 -15.82 1.33
CA GLY E 179 32.98 -15.11 1.56
C GLY E 179 33.09 -13.90 2.47
N LEU E 180 34.23 -13.71 3.12
CA LEU E 180 34.46 -12.56 3.97
C LEU E 180 35.03 -11.41 3.15
N TYR E 181 35.08 -10.23 3.77
CA TYR E 181 35.58 -9.03 3.11
C TYR E 181 36.97 -8.68 3.62
N SER E 182 37.66 -7.84 2.84
CA SER E 182 38.95 -7.28 3.24
C SER E 182 39.17 -6.01 2.43
N LEU E 183 40.01 -5.13 2.97
CA LEU E 183 40.37 -3.91 2.27
C LEU E 183 41.64 -3.35 2.89
N SER E 184 42.18 -2.33 2.24
CA SER E 184 43.42 -1.71 2.66
C SER E 184 43.25 -0.20 2.64
N SER E 185 43.74 0.46 3.70
CA SER E 185 43.77 1.90 3.79
C SER E 185 45.22 2.34 3.88
N VAL E 186 45.67 3.13 2.92
CA VAL E 186 47.06 3.56 2.84
C VAL E 186 47.08 5.08 2.88
N VAL E 187 48.07 5.63 3.58
CA VAL E 187 48.29 7.07 3.66
C VAL E 187 49.72 7.34 3.22
N THR E 188 49.90 8.44 2.48
CA THR E 188 51.21 8.85 1.99
C THR E 188 51.63 10.11 2.75
N VAL E 189 52.70 9.99 3.55
CA VAL E 189 53.20 11.08 4.38
C VAL E 189 54.70 11.26 4.07
N PRO E 190 55.23 12.45 4.35
CA PRO E 190 56.64 12.69 4.03
C PRO E 190 57.57 11.77 4.83
N SER E 191 58.71 11.44 4.21
CA SER E 191 59.64 10.51 4.84
C SER E 191 60.27 11.09 6.10
N SER E 192 60.37 12.41 6.19
CA SER E 192 60.99 13.03 7.36
C SER E 192 60.21 12.77 8.64
N SER E 193 58.89 12.64 8.53
CA SER E 193 58.02 12.52 9.71
C SER E 193 57.72 11.09 10.14
N LEU E 194 58.21 10.06 9.44
CA LEU E 194 57.84 8.71 9.81
C LEU E 194 58.36 8.33 11.20
N GLY E 195 59.64 8.58 11.47
CA GLY E 195 60.16 8.30 12.80
C GLY E 195 59.62 9.20 13.89
N THR E 196 59.27 10.44 13.56
CA THR E 196 58.81 11.40 14.55
C THR E 196 57.31 11.28 14.84
N GLN E 197 56.50 11.17 13.80
CA GLN E 197 55.06 11.16 13.99
C GLN E 197 54.59 9.82 14.55
N THR E 198 53.36 9.84 15.05
CA THR E 198 52.67 8.64 15.51
C THR E 198 51.61 8.28 14.49
N TYR E 199 51.50 6.99 14.19
CA TYR E 199 50.62 6.49 13.15
C TYR E 199 49.78 5.36 13.72
N ILE E 200 48.53 5.66 14.01
CA ILE E 200 47.56 4.69 14.49
C ILE E 200 46.38 4.70 13.54
N CYS E 201 46.12 3.56 12.91
CA CYS E 201 44.95 3.44 12.04
C CYS E 201 43.80 2.95 12.91
N ASN E 202 42.79 3.80 13.06
CA ASN E 202 41.64 3.51 13.90
C ASN E 202 40.61 2.76 13.05
N VAL E 203 40.38 1.50 13.38
CA VAL E 203 39.50 0.63 12.63
C VAL E 203 38.30 0.27 13.50
N ASN E 204 37.12 0.23 12.89
CA ASN E 204 35.90 -0.05 13.64
C ASN E 204 34.95 -0.82 12.75
N HIS E 205 34.59 -2.02 13.19
CA HIS E 205 33.60 -2.87 12.53
C HIS E 205 32.45 -3.05 13.51
N LYS E 206 31.52 -2.10 13.51
CA LYS E 206 30.42 -2.10 14.48
C LYS E 206 29.63 -3.41 14.53
N PRO E 207 29.26 -4.06 13.42
CA PRO E 207 28.54 -5.33 13.53
C PRO E 207 29.25 -6.39 14.34
N SER E 208 30.55 -6.23 14.59
CA SER E 208 31.31 -7.11 15.46
C SER E 208 31.80 -6.41 16.71
N ASN E 209 31.38 -5.16 16.93
CA ASN E 209 31.80 -4.31 18.05
C ASN E 209 33.31 -4.14 18.11
N THR E 210 34.04 -4.53 17.06
CA THR E 210 35.49 -4.46 17.06
C THR E 210 35.95 -3.03 16.84
N LYS E 211 36.71 -2.50 17.80
CA LYS E 211 37.31 -1.17 17.71
C LYS E 211 38.80 -1.36 18.03
N VAL E 212 39.64 -1.32 17.00
CA VAL E 212 41.05 -1.62 17.13
C VAL E 212 41.86 -0.43 16.61
N ASP E 213 43.07 -0.28 17.17
CA ASP E 213 44.00 0.76 16.76
C ASP E 213 45.38 0.13 16.61
N LYS E 214 45.82 -0.04 15.37
CA LYS E 214 47.14 -0.61 15.09
C LYS E 214 48.13 0.52 14.90
N LYS E 215 49.41 0.19 15.06
CA LYS E 215 50.47 1.19 15.15
C LYS E 215 51.55 0.85 14.13
N VAL E 216 51.52 1.53 12.99
CA VAL E 216 52.46 1.27 11.91
C VAL E 216 53.73 2.08 12.16
N GLU E 217 54.86 1.39 12.28
CA GLU E 217 56.15 1.99 12.53
C GLU E 217 57.13 1.53 11.46
N PRO E 218 58.05 2.40 11.03
CA PRO E 218 59.02 1.99 10.00
C PRO E 218 59.74 0.71 10.40
N LYS E 219 60.13 -0.07 9.38
CA LYS E 219 60.72 -1.38 9.64
C LYS E 219 62.23 -1.38 9.47
N SER E 220 62.73 -2.14 8.51
CA SER E 220 64.17 -2.25 8.26
C SER E 220 64.39 -2.99 6.95
N CYS E 221 65.52 -2.68 6.31
CA CYS E 221 65.92 -3.36 5.09
C CYS E 221 67.39 -3.12 4.81
N ASP F 1 2.56 7.55 -9.60
CA ASP F 1 4.01 7.48 -9.44
C ASP F 1 4.72 8.06 -10.66
N ILE F 2 5.75 8.88 -10.40
CA ILE F 2 6.47 9.62 -11.42
C ILE F 2 7.77 8.89 -11.73
N VAL F 3 8.25 9.04 -12.96
CA VAL F 3 9.49 8.42 -13.41
C VAL F 3 10.37 9.50 -14.03
N MET F 4 11.43 9.89 -13.32
CA MET F 4 12.37 10.89 -13.82
C MET F 4 13.59 10.19 -14.42
N THR F 5 13.76 10.34 -15.74
CA THR F 5 14.84 9.71 -16.50
C THR F 5 15.93 10.75 -16.73
N GLN F 6 16.98 10.69 -15.93
CA GLN F 6 18.13 11.58 -16.06
C GLN F 6 19.00 11.18 -17.26
N SER F 7 19.94 12.06 -17.58
CA SER F 7 20.86 11.91 -18.70
C SER F 7 21.91 10.85 -18.37
N PRO F 8 22.55 10.27 -19.40
CA PRO F 8 23.52 9.19 -19.16
C PRO F 8 24.66 9.63 -18.28
N SER F 9 25.25 8.66 -17.57
CA SER F 9 26.29 8.90 -16.58
C SER F 9 27.69 8.93 -17.16
N SER F 10 27.87 8.68 -18.46
CA SER F 10 29.22 8.71 -19.03
C SER F 10 29.50 10.16 -19.44
N LEU F 11 29.93 10.95 -18.46
CA LEU F 11 30.33 12.34 -18.69
C LEU F 11 31.82 12.42 -18.39
N SER F 12 32.63 12.62 -19.41
CA SER F 12 34.08 12.72 -19.23
C SER F 12 34.58 14.12 -19.56
N ALA F 13 33.90 15.14 -19.05
CA ALA F 13 34.30 16.51 -19.32
C ALA F 13 35.67 16.80 -18.73
N SER F 14 36.21 17.98 -19.04
CA SER F 14 37.52 18.37 -18.57
C SER F 14 37.37 19.41 -17.45
N VAL F 15 38.50 19.92 -16.98
CA VAL F 15 38.49 20.92 -15.91
C VAL F 15 38.20 22.27 -16.53
N GLY F 16 37.27 23.00 -15.93
CA GLY F 16 36.92 24.31 -16.44
C GLY F 16 35.91 24.29 -17.59
N ASP F 17 35.28 23.16 -17.86
CA ASP F 17 34.36 23.07 -18.98
C ASP F 17 32.93 23.30 -18.53
N ARG F 18 32.09 22.28 -18.58
CA ARG F 18 30.69 22.43 -18.17
C ARG F 18 30.06 21.06 -18.02
N VAL F 19 28.88 21.04 -17.41
CA VAL F 19 28.03 19.86 -17.34
C VAL F 19 26.61 20.33 -17.61
N THR F 20 25.83 19.46 -18.23
CA THR F 20 24.43 19.74 -18.53
C THR F 20 23.67 18.45 -18.27
N ILE F 21 23.07 18.34 -17.10
CA ILE F 21 22.30 17.17 -16.70
C ILE F 21 20.82 17.50 -16.79
N THR F 22 20.09 16.71 -17.54
CA THR F 22 18.67 16.93 -17.79
C THR F 22 17.87 15.83 -17.11
N CYS F 23 16.82 16.22 -16.41
CA CYS F 23 15.97 15.31 -15.63
C CYS F 23 14.55 15.45 -16.16
N GLN F 24 14.17 14.59 -17.09
CA GLN F 24 12.83 14.58 -17.63
C GLN F 24 11.94 13.68 -16.77
N ALA F 25 10.71 14.12 -16.54
CA ALA F 25 9.76 13.39 -15.71
C ALA F 25 8.62 12.84 -16.55
N SER F 26 7.83 11.96 -15.93
CA SER F 26 6.66 11.39 -16.59
C SER F 26 5.48 12.35 -16.52
N GLN F 27 5.11 12.76 -15.31
CA GLN F 27 4.03 13.72 -15.08
C GLN F 27 4.65 14.93 -14.40
N ASP F 28 4.56 16.09 -15.06
CA ASP F 28 5.36 17.25 -14.70
C ASP F 28 4.73 18.00 -13.51
N ILE F 29 5.47 18.06 -12.41
CA ILE F 29 5.16 18.94 -11.28
C ILE F 29 5.98 20.22 -11.43
N ASN F 30 5.42 21.31 -10.92
CA ASN F 30 5.93 22.65 -11.17
C ASN F 30 6.80 23.13 -10.01
N ASN F 31 8.01 23.57 -10.35
CA ASN F 31 8.95 24.17 -9.40
C ASN F 31 9.24 23.26 -8.21
N TYR F 32 8.90 21.98 -8.33
CA TYR F 32 9.07 21.03 -7.24
C TYR F 32 10.10 19.97 -7.60
N LEU F 33 11.33 20.40 -7.88
CA LEU F 33 12.41 19.50 -8.24
C LEU F 33 13.69 19.92 -7.56
N ASN F 34 14.37 18.97 -6.92
CA ASN F 34 15.59 19.24 -6.20
C ASN F 34 16.77 18.53 -6.84
N TRP F 35 17.93 19.16 -6.78
CA TRP F 35 19.17 18.58 -7.27
C TRP F 35 20.09 18.32 -6.09
N TYR F 36 20.75 17.16 -6.12
CA TYR F 36 21.67 16.76 -5.07
C TYR F 36 23.00 16.34 -5.69
N GLN F 37 24.02 16.26 -4.85
CA GLN F 37 25.35 15.85 -5.28
C GLN F 37 25.89 14.86 -4.27
N GLN F 38 25.95 13.59 -4.65
CA GLN F 38 26.49 12.56 -3.77
C GLN F 38 27.97 12.41 -4.09
N LYS F 39 28.81 13.06 -3.29
CA LYS F 39 30.24 12.98 -3.49
C LYS F 39 30.70 11.53 -3.33
N PRO F 40 31.85 11.17 -3.88
CA PRO F 40 32.29 9.77 -3.81
C PRO F 40 32.43 9.27 -2.38
N GLY F 41 31.45 8.47 -1.95
CA GLY F 41 31.47 7.87 -0.64
C GLY F 41 31.07 8.82 0.48
N LYS F 42 29.97 9.54 0.30
CA LYS F 42 29.50 10.47 1.31
C LYS F 42 27.98 10.58 1.19
N ALA F 43 27.37 11.18 2.20
CA ALA F 43 25.92 11.39 2.18
C ALA F 43 25.57 12.50 1.20
N PRO F 44 24.41 12.40 0.54
CA PRO F 44 24.02 13.41 -0.44
C PRO F 44 23.95 14.81 0.17
N LYS F 45 24.47 15.79 -0.57
CA LYS F 45 24.38 17.19 -0.21
C LYS F 45 23.46 17.88 -1.20
N LEU F 46 22.67 18.83 -0.70
CA LEU F 46 21.72 19.54 -1.53
C LEU F 46 22.39 20.70 -2.26
N LEU F 47 22.02 20.90 -3.52
CA LEU F 47 22.53 22.00 -4.32
C LEU F 47 21.42 22.91 -4.82
N ILE F 48 20.51 22.39 -5.63
CA ILE F 48 19.39 23.16 -6.17
C ILE F 48 18.12 22.65 -5.52
N TYR F 49 17.29 23.56 -5.05
CA TYR F 49 15.95 23.23 -4.61
C TYR F 49 14.96 24.16 -5.29
N ASP F 50 13.73 23.67 -5.44
CA ASP F 50 12.70 24.38 -6.21
C ASP F 50 13.19 24.71 -7.62
N ALA F 51 13.68 23.67 -8.31
CA ALA F 51 14.07 23.72 -9.71
C ALA F 51 15.27 24.62 -10.00
N SER F 52 15.35 25.78 -9.35
CA SER F 52 16.38 26.76 -9.69
C SER F 52 17.04 27.44 -8.49
N ASN F 53 16.42 27.48 -7.32
CA ASN F 53 16.97 28.23 -6.20
C ASN F 53 18.19 27.54 -5.62
N LEU F 54 19.26 28.30 -5.42
CA LEU F 54 20.50 27.79 -4.88
C LEU F 54 20.48 27.80 -3.36
N GLU F 55 21.28 26.92 -2.76
CA GLU F 55 21.41 26.81 -1.31
C GLU F 55 22.67 27.51 -0.83
N THR F 56 22.61 28.02 0.41
CA THR F 56 23.75 28.72 1.01
C THR F 56 24.99 27.85 1.04
N GLY F 57 25.99 28.20 0.26
CA GLY F 57 27.20 27.40 0.18
C GLY F 57 27.57 27.00 -1.22
N VAL F 58 26.61 26.41 -1.94
CA VAL F 58 26.75 25.99 -3.32
C VAL F 58 27.37 27.11 -4.15
N PRO F 59 28.50 26.85 -4.82
CA PRO F 59 29.16 27.90 -5.61
C PRO F 59 28.28 28.42 -6.74
N SER F 60 28.64 29.60 -7.24
CA SER F 60 27.91 30.25 -8.33
C SER F 60 28.15 29.57 -9.68
N ARG F 61 28.75 28.37 -9.67
CA ARG F 61 28.91 27.58 -10.88
C ARG F 61 27.72 26.66 -11.14
N PHE F 62 26.86 26.47 -10.15
CA PHE F 62 25.72 25.57 -10.24
C PHE F 62 24.47 26.34 -10.61
N SER F 63 23.62 25.73 -11.43
CA SER F 63 22.42 26.38 -11.92
C SER F 63 21.39 25.31 -12.26
N GLY F 64 20.13 25.74 -12.36
CA GLY F 64 19.03 24.88 -12.72
C GLY F 64 18.00 25.62 -13.52
N SER F 65 16.96 24.91 -13.93
CA SER F 65 15.90 25.48 -14.75
C SER F 65 14.70 24.55 -14.74
N GLY F 66 13.52 25.15 -14.76
CA GLY F 66 12.27 24.40 -14.70
C GLY F 66 11.85 23.75 -16.02
N ASP F 70 12.49 17.90 -19.36
CA ASP F 70 11.55 18.81 -18.72
C ASP F 70 12.25 19.64 -17.64
N PHE F 71 13.44 19.19 -17.23
CA PHE F 71 14.25 19.91 -16.24
C PHE F 71 15.71 19.76 -16.63
N THR F 72 16.54 20.68 -16.12
CA THR F 72 17.94 20.73 -16.49
C THR F 72 18.80 21.12 -15.29
N PHE F 73 20.05 20.65 -15.30
CA PHE F 73 21.07 21.00 -14.33
C PHE F 73 22.34 21.37 -15.08
N THR F 74 23.04 22.41 -14.62
CA THR F 74 24.16 22.95 -15.37
C THR F 74 25.24 23.44 -14.42
N ILE F 75 26.49 23.11 -14.75
CA ILE F 75 27.66 23.64 -14.05
C ILE F 75 28.42 24.54 -15.01
N SER F 76 28.72 25.77 -14.57
CA SER F 76 29.30 26.76 -15.47
C SER F 76 30.75 26.43 -15.80
N SER F 77 31.59 26.27 -14.78
CA SER F 77 33.00 25.95 -14.96
C SER F 77 33.32 24.75 -14.08
N LEU F 78 33.39 23.56 -14.70
CA LEU F 78 33.63 22.33 -13.96
C LEU F 78 34.96 22.38 -13.23
N GLN F 79 34.91 22.18 -11.91
CA GLN F 79 36.07 22.20 -11.03
C GLN F 79 36.33 20.80 -10.46
N PRO F 80 37.60 20.47 -10.14
CA PRO F 80 37.91 19.13 -9.62
C PRO F 80 37.03 18.67 -8.46
N GLU F 81 36.52 19.58 -7.63
CA GLU F 81 35.71 19.17 -6.49
C GLU F 81 34.41 18.48 -6.91
N ASP F 82 33.92 18.76 -8.13
CA ASP F 82 32.59 18.34 -8.56
C ASP F 82 32.51 16.89 -9.04
N ILE F 83 33.45 16.03 -8.67
CA ILE F 83 33.30 14.61 -8.97
C ILE F 83 32.19 14.06 -8.08
N ALA F 84 31.15 13.50 -8.71
CA ALA F 84 30.02 12.94 -7.98
C ALA F 84 29.02 12.23 -8.89
N THR F 85 27.88 11.84 -8.32
CA THR F 85 26.73 11.33 -9.05
C THR F 85 25.55 12.20 -8.68
N TYR F 86 25.02 12.93 -9.65
CA TYR F 86 24.02 13.96 -9.40
C TYR F 86 22.62 13.38 -9.62
N TYR F 87 21.79 13.44 -8.59
CA TYR F 87 20.41 12.97 -8.63
C TYR F 87 19.46 14.16 -8.66
N CYS F 88 18.25 13.90 -9.15
CA CYS F 88 17.17 14.88 -9.12
C CYS F 88 16.00 14.30 -8.35
N GLN F 89 15.41 15.11 -7.49
CA GLN F 89 14.27 14.67 -6.68
C GLN F 89 13.06 15.50 -7.07
N GLN F 90 11.90 15.02 -6.62
CA GLN F 90 10.64 15.68 -6.97
C GLN F 90 9.60 15.41 -5.90
N PHE F 91 8.93 16.44 -5.39
CA PHE F 91 7.82 16.23 -4.44
C PHE F 91 6.54 16.02 -5.24
N ASP F 92 6.15 14.76 -5.49
CA ASP F 92 4.99 14.44 -6.36
C ASP F 92 3.77 13.97 -5.56
N ASN F 93 3.83 12.78 -4.97
CA ASN F 93 2.69 12.37 -4.13
C ASN F 93 3.11 11.15 -3.32
N LEU F 94 4.10 11.33 -2.48
CA LEU F 94 4.52 10.23 -1.60
C LEU F 94 4.40 8.95 -2.40
N PRO F 95 5.26 8.75 -3.42
CA PRO F 95 6.69 8.71 -3.19
C PRO F 95 7.45 9.93 -3.71
N TRP F 96 8.49 10.35 -2.99
CA TRP F 96 9.32 11.44 -3.59
C TRP F 96 10.33 10.80 -4.53
N THR F 97 9.90 10.44 -5.75
CA THR F 97 10.80 9.71 -6.67
C THR F 97 12.13 10.42 -6.89
N PHE F 98 13.22 9.67 -6.94
CA PHE F 98 14.55 10.16 -7.24
C PHE F 98 14.88 9.91 -8.71
N GLY F 99 16.06 10.35 -9.12
CA GLY F 99 16.53 10.14 -10.48
C GLY F 99 17.16 8.77 -10.64
N GLN F 100 17.87 8.62 -11.76
CA GLN F 100 18.62 7.40 -12.03
C GLN F 100 20.09 7.55 -11.70
N GLY F 101 20.53 8.77 -11.42
CA GLY F 101 21.92 9.04 -11.09
C GLY F 101 22.75 9.33 -12.32
N THR F 102 23.21 10.56 -12.47
CA THR F 102 24.12 10.95 -13.54
C THR F 102 25.49 11.20 -12.92
N LYS F 103 26.45 10.36 -13.28
CA LYS F 103 27.79 10.42 -12.74
C LYS F 103 28.67 11.35 -13.57
N VAL F 104 29.27 12.33 -12.91
CA VAL F 104 30.21 13.24 -13.55
C VAL F 104 31.62 12.71 -13.33
N GLU F 105 32.43 12.71 -14.39
CA GLU F 105 33.80 12.19 -14.34
C GLU F 105 34.71 13.22 -14.97
N ILE F 106 35.68 13.70 -14.19
CA ILE F 106 36.60 14.73 -14.64
C ILE F 106 37.81 14.09 -15.29
N ARG F 107 38.12 14.50 -16.51
CA ARG F 107 39.24 13.98 -17.27
C ARG F 107 40.44 14.93 -17.15
N ARG F 108 41.61 14.39 -17.41
CA ARG F 108 42.85 15.13 -17.19
C ARG F 108 43.95 14.48 -18.04
N THR F 109 45.16 15.05 -17.95
CA THR F 109 46.33 14.55 -18.63
C THR F 109 46.72 13.15 -18.12
N VAL F 110 47.73 12.56 -18.78
CA VAL F 110 48.23 11.28 -18.31
C VAL F 110 48.96 11.46 -16.98
N ALA F 111 49.09 10.38 -16.23
CA ALA F 111 49.74 10.44 -14.94
C ALA F 111 50.28 9.06 -14.58
N ALA F 112 51.46 9.04 -14.01
CA ALA F 112 52.06 7.76 -13.68
C ALA F 112 51.83 7.42 -12.22
N PRO F 113 51.67 6.13 -11.90
CA PRO F 113 51.43 5.72 -10.53
C PRO F 113 52.71 5.74 -9.69
N SER F 114 52.52 5.85 -8.38
CA SER F 114 53.63 5.76 -7.43
C SER F 114 53.56 4.38 -6.81
N VAL F 115 54.26 3.42 -7.42
CA VAL F 115 54.11 2.02 -7.09
C VAL F 115 55.02 1.68 -5.90
N PHE F 116 54.42 1.12 -4.87
CA PHE F 116 55.13 0.74 -3.64
C PHE F 116 54.80 -0.70 -3.30
N ILE F 117 55.69 -1.34 -2.55
CA ILE F 117 55.55 -2.74 -2.19
C ILE F 117 55.57 -2.87 -0.68
N PHE F 118 54.66 -3.67 -0.15
CA PHE F 118 54.55 -3.89 1.29
C PHE F 118 54.64 -5.39 1.56
N PRO F 119 55.69 -5.85 2.23
CA PRO F 119 55.79 -7.27 2.60
C PRO F 119 54.73 -7.64 3.61
N PRO F 120 54.56 -8.94 3.91
CA PRO F 120 53.55 -9.34 4.89
C PRO F 120 53.95 -8.94 6.30
N SER F 121 52.93 -8.81 7.14
CA SER F 121 53.15 -8.41 8.51
C SER F 121 53.70 -9.56 9.34
N ASP F 122 54.65 -9.24 10.22
CA ASP F 122 55.19 -10.25 11.13
C ASP F 122 54.09 -10.89 11.95
N GLU F 123 53.17 -10.07 12.47
CA GLU F 123 52.05 -10.57 13.26
C GLU F 123 51.04 -11.33 12.42
N GLN F 124 51.02 -11.11 11.10
CA GLN F 124 50.09 -11.84 10.24
C GLN F 124 50.49 -13.29 10.06
N LEU F 125 51.80 -13.58 10.11
CA LEU F 125 52.26 -14.94 9.82
C LEU F 125 51.82 -15.94 10.89
N LYS F 126 51.69 -15.50 12.14
CA LYS F 126 51.20 -16.40 13.19
C LYS F 126 49.79 -16.89 12.90
N SER F 127 49.03 -16.17 12.07
CA SER F 127 47.70 -16.62 11.67
C SER F 127 47.77 -17.73 10.63
N GLY F 128 48.83 -17.77 9.84
CA GLY F 128 49.01 -18.80 8.85
C GLY F 128 48.83 -18.36 7.41
N THR F 129 48.65 -17.06 7.16
CA THR F 129 48.45 -16.54 5.83
C THR F 129 49.38 -15.36 5.61
N ALA F 130 50.09 -15.35 4.48
CA ALA F 130 50.99 -14.26 4.11
C ALA F 130 50.46 -13.61 2.84
N SER F 131 50.14 -12.33 2.93
CA SER F 131 49.60 -11.57 1.81
C SER F 131 50.42 -10.30 1.61
N VAL F 132 50.90 -10.10 0.38
CA VAL F 132 51.70 -8.93 0.02
C VAL F 132 50.80 -7.94 -0.71
N VAL F 133 51.00 -6.65 -0.42
CA VAL F 133 50.17 -5.57 -0.95
C VAL F 133 51.01 -4.71 -1.87
N CYS F 134 50.45 -4.41 -3.05
CA CYS F 134 51.08 -3.55 -4.03
C CYS F 134 50.18 -2.34 -4.22
N LEU F 135 50.75 -1.15 -4.04
CA LEU F 135 50.00 0.10 -4.05
C LEU F 135 50.40 0.92 -5.25
N LEU F 136 49.43 1.20 -6.12
CA LEU F 136 49.60 2.15 -7.21
C LEU F 136 48.76 3.37 -6.87
N ASN F 137 49.41 4.51 -6.69
CA ASN F 137 48.75 5.69 -6.18
C ASN F 137 48.88 6.83 -7.19
N ASN F 138 47.82 7.64 -7.27
CA ASN F 138 47.82 8.84 -8.10
C ASN F 138 48.21 8.56 -9.54
N PHE F 139 47.27 8.08 -10.35
CA PHE F 139 47.53 7.84 -11.76
C PHE F 139 46.25 8.06 -12.54
N TYR F 140 46.40 8.32 -13.84
CA TYR F 140 45.28 8.49 -14.74
C TYR F 140 45.74 8.04 -16.12
N PRO F 141 44.92 7.25 -16.84
CA PRO F 141 43.59 6.76 -16.47
C PRO F 141 43.63 5.48 -15.66
N ARG F 142 42.48 4.83 -15.50
CA ARG F 142 42.38 3.59 -14.73
C ARG F 142 43.06 2.42 -15.42
N GLU F 143 43.38 2.54 -16.71
CA GLU F 143 43.99 1.46 -17.48
C GLU F 143 45.40 1.22 -16.96
N ALA F 144 45.54 0.24 -16.07
CA ALA F 144 46.82 -0.18 -15.53
C ALA F 144 46.78 -1.68 -15.31
N LYS F 145 47.89 -2.35 -15.62
CA LYS F 145 47.99 -3.79 -15.44
C LYS F 145 49.03 -4.07 -14.35
N VAL F 146 48.59 -4.70 -13.27
CA VAL F 146 49.43 -5.03 -12.13
C VAL F 146 49.72 -6.52 -12.19
N GLN F 147 50.97 -6.87 -12.41
CA GLN F 147 51.39 -8.26 -12.58
C GLN F 147 52.29 -8.66 -11.42
N TRP F 148 51.89 -9.67 -10.66
CA TRP F 148 52.74 -10.19 -9.59
C TRP F 148 53.74 -11.18 -10.17
N LYS F 149 54.91 -11.27 -9.52
CA LYS F 149 55.99 -12.13 -9.99
C LYS F 149 56.71 -12.69 -8.78
N VAL F 150 56.63 -14.01 -8.60
CA VAL F 150 57.30 -14.69 -7.50
C VAL F 150 58.34 -15.64 -8.09
N ASP F 151 59.59 -15.51 -7.63
CA ASP F 151 60.74 -16.20 -8.22
C ASP F 151 60.77 -16.03 -9.73
N ASN F 152 60.54 -14.79 -10.17
CA ASN F 152 60.51 -14.43 -11.59
C ASN F 152 59.61 -15.36 -12.39
N ALA F 153 58.44 -15.68 -11.84
CA ALA F 153 57.44 -16.45 -12.54
C ALA F 153 56.21 -15.58 -12.73
N LEU F 154 55.03 -16.08 -12.37
CA LEU F 154 53.78 -15.32 -12.45
C LEU F 154 52.77 -15.88 -11.47
N GLN F 155 51.78 -15.06 -11.14
CA GLN F 155 50.70 -15.39 -10.21
C GLN F 155 49.37 -14.98 -10.80
N SER F 156 48.51 -15.96 -11.08
CA SER F 156 47.15 -15.75 -11.62
C SER F 156 46.19 -16.62 -10.80
N GLY F 157 45.62 -16.04 -9.75
CA GLY F 157 44.68 -16.79 -8.93
C GLY F 157 44.60 -16.28 -7.51
N ASN F 158 45.74 -15.99 -6.91
CA ASN F 158 45.78 -15.38 -5.59
C ASN F 158 45.66 -13.86 -5.65
N SER F 159 45.70 -13.27 -6.83
CA SER F 159 45.68 -11.82 -6.98
C SER F 159 44.26 -11.28 -6.80
N GLN F 160 44.19 -10.10 -6.20
CA GLN F 160 42.94 -9.36 -6.07
C GLN F 160 43.27 -7.88 -6.17
N GLU F 161 42.30 -7.09 -6.62
CA GLU F 161 42.52 -5.68 -6.87
C GLU F 161 41.33 -4.87 -6.39
N SER F 162 41.59 -3.60 -6.11
CA SER F 162 40.55 -2.65 -5.73
C SER F 162 41.06 -1.26 -6.04
N VAL F 163 40.28 -0.53 -6.82
CA VAL F 163 40.66 0.80 -7.29
C VAL F 163 39.70 1.77 -6.64
N THR F 164 40.17 2.99 -6.43
CA THR F 164 39.36 4.01 -5.79
C THR F 164 38.94 5.07 -6.81
N GLU F 165 37.87 5.75 -6.48
CA GLU F 165 37.32 6.82 -7.30
C GLU F 165 38.35 7.93 -7.48
N GLN F 166 38.11 8.76 -8.49
CA GLN F 166 39.00 9.90 -8.73
C GLN F 166 39.03 10.79 -7.50
N ASP F 167 40.18 11.41 -7.27
CA ASP F 167 40.34 12.24 -6.08
C ASP F 167 39.71 13.61 -6.32
N SER F 168 39.21 14.20 -5.24
CA SER F 168 38.57 15.51 -5.33
C SER F 168 39.56 16.63 -5.59
N LYS F 169 40.87 16.39 -5.46
CA LYS F 169 41.85 17.43 -5.71
C LYS F 169 42.71 17.21 -6.95
N ASP F 170 43.13 15.98 -7.26
CA ASP F 170 43.87 15.76 -8.50
C ASP F 170 43.17 14.89 -9.53
N SER F 171 41.95 14.43 -9.28
CA SER F 171 41.21 13.56 -10.19
C SER F 171 42.10 12.46 -10.76
N THR F 172 42.72 11.71 -9.85
CA THR F 172 43.61 10.61 -10.18
C THR F 172 43.22 9.36 -9.43
N TYR F 173 43.23 8.23 -10.12
CA TYR F 173 42.81 6.97 -9.51
C TYR F 173 43.96 6.35 -8.74
N SER F 174 43.61 5.46 -7.82
CA SER F 174 44.59 4.77 -7.00
C SER F 174 44.09 3.34 -6.82
N LEU F 175 44.99 2.37 -7.00
CA LEU F 175 44.63 0.96 -6.94
C LEU F 175 45.65 0.21 -6.11
N SER F 176 45.19 -0.88 -5.47
CA SER F 176 46.04 -1.71 -4.64
C SER F 176 45.80 -3.16 -5.01
N SER F 177 46.89 -3.90 -5.21
CA SER F 177 46.83 -5.30 -5.58
C SER F 177 47.36 -6.15 -4.44
N THR F 178 46.67 -7.23 -4.13
CA THR F 178 47.03 -8.10 -3.02
C THR F 178 47.27 -9.52 -3.52
N LEU F 179 48.38 -10.10 -3.09
CA LEU F 179 48.74 -11.48 -3.42
C LEU F 179 48.72 -12.27 -2.13
N THR F 180 47.70 -13.11 -1.96
CA THR F 180 47.47 -13.82 -0.71
C THR F 180 47.90 -15.28 -0.87
N LEU F 181 48.80 -15.72 0.01
CA LEU F 181 49.27 -17.10 0.02
C LEU F 181 49.36 -17.59 1.45
N SER F 182 49.51 -18.90 1.60
CA SER F 182 49.63 -19.48 2.93
C SER F 182 51.01 -19.14 3.53
N LYS F 183 51.16 -19.46 4.82
CA LYS F 183 52.46 -19.26 5.46
C LYS F 183 53.53 -20.12 4.79
N ALA F 184 53.21 -21.39 4.53
CA ALA F 184 54.21 -22.30 3.98
C ALA F 184 54.56 -21.93 2.54
N ASP F 185 53.55 -21.77 1.70
CA ASP F 185 53.80 -21.43 0.30
C ASP F 185 54.60 -20.14 0.17
N TYR F 186 54.51 -19.26 1.17
CA TYR F 186 55.27 -18.01 1.15
C TYR F 186 56.76 -18.26 1.36
N GLU F 187 57.11 -19.10 2.34
CA GLU F 187 58.51 -19.30 2.71
C GLU F 187 59.32 -20.05 1.66
N LYS F 188 58.69 -20.71 0.69
CA LYS F 188 59.43 -21.44 -0.32
C LYS F 188 59.89 -20.55 -1.47
N HIS F 189 59.69 -19.23 -1.39
CA HIS F 189 60.05 -18.33 -2.47
C HIS F 189 60.70 -17.09 -1.88
N LYS F 190 61.83 -16.67 -2.45
CA LYS F 190 62.64 -15.58 -1.90
C LYS F 190 62.63 -14.32 -2.78
N VAL F 191 61.69 -14.20 -3.72
CA VAL F 191 61.58 -13.01 -4.56
C VAL F 191 60.10 -12.71 -4.77
N TYR F 192 59.65 -11.56 -4.28
CA TYR F 192 58.28 -11.09 -4.47
C TYR F 192 58.31 -9.71 -5.10
N ALA F 193 57.52 -9.51 -6.15
CA ALA F 193 57.51 -8.23 -6.86
C ALA F 193 56.18 -8.07 -7.57
N CYS F 194 55.79 -6.82 -7.80
CA CYS F 194 54.63 -6.48 -8.62
C CYS F 194 55.10 -5.56 -9.75
N GLU F 195 54.93 -6.02 -10.99
CA GLU F 195 55.29 -5.26 -12.17
C GLU F 195 54.03 -4.59 -12.75
N VAL F 196 54.14 -3.28 -13.02
CA VAL F 196 53.00 -2.49 -13.48
C VAL F 196 53.29 -1.91 -14.85
N THR F 197 52.24 -1.77 -15.65
CA THR F 197 52.33 -1.20 -16.99
C THR F 197 51.27 -0.13 -17.12
N HIS F 198 51.69 1.07 -17.52
CA HIS F 198 50.80 2.20 -17.67
C HIS F 198 51.26 3.04 -18.85
N GLN F 199 50.31 3.76 -19.46
CA GLN F 199 50.67 4.62 -20.58
C GLN F 199 51.66 5.69 -20.16
N GLY F 200 51.59 6.16 -18.91
CA GLY F 200 52.47 7.24 -18.49
C GLY F 200 53.83 6.80 -17.99
N LEU F 201 54.01 5.51 -17.72
CA LEU F 201 55.32 4.94 -17.42
C LEU F 201 55.80 4.22 -18.67
N SER F 202 56.80 4.82 -19.34
CA SER F 202 57.31 4.28 -20.60
C SER F 202 57.59 2.78 -20.51
N SER F 203 58.24 2.35 -19.43
CA SER F 203 58.61 0.96 -19.23
C SER F 203 58.13 0.49 -17.87
N PRO F 204 57.69 -0.76 -17.77
CA PRO F 204 57.21 -1.29 -16.49
C PRO F 204 58.23 -1.14 -15.37
N VAL F 205 57.72 -0.82 -14.17
CA VAL F 205 58.54 -0.56 -13.00
C VAL F 205 58.34 -1.72 -12.03
N THR F 206 59.39 -2.52 -11.83
CA THR F 206 59.34 -3.69 -10.96
C THR F 206 59.90 -3.34 -9.59
N LYS F 207 59.05 -3.46 -8.57
CA LYS F 207 59.43 -3.22 -7.18
C LYS F 207 59.47 -4.57 -6.44
N SER F 208 60.66 -4.99 -6.03
CA SER F 208 60.87 -6.32 -5.48
C SER F 208 61.31 -6.25 -4.03
N PHE F 209 61.21 -7.40 -3.35
CA PHE F 209 61.70 -7.55 -1.99
C PHE F 209 61.96 -9.04 -1.76
N ASN F 210 63.06 -9.35 -1.08
CA ASN F 210 63.55 -10.71 -0.89
C ASN F 210 63.37 -11.25 0.53
N ARG F 211 62.27 -10.93 1.19
CA ARG F 211 62.03 -11.31 2.59
C ARG F 211 63.14 -10.78 3.52
N GLY F 212 63.66 -9.60 3.21
CA GLY F 212 64.67 -8.97 4.04
C GLY F 212 65.94 -8.64 3.27
C1 NAG G . -24.55 31.20 -10.28
C2 NAG G . -25.75 30.55 -9.59
C3 NAG G . -26.57 29.70 -10.58
C4 NAG G . -26.90 30.50 -11.83
C5 NAG G . -25.62 31.07 -12.43
C6 NAG G . -25.86 31.93 -13.65
C7 NAG G . -26.09 29.44 -7.42
C8 NAG G . -25.47 28.56 -6.37
N2 NAG G . -25.32 29.73 -8.47
O3 NAG G . -27.77 29.27 -9.96
O4 NAG G . -27.55 29.68 -12.79
O5 NAG G . -24.98 31.90 -11.46
O6 NAG G . -24.70 32.00 -14.48
O7 NAG G . -27.24 29.85 -7.33
S SO4 H . -3.65 22.47 18.94
O1 SO4 H . -5.08 22.42 19.25
O2 SO4 H . -2.99 23.41 19.84
O3 SO4 H . -3.47 22.90 17.56
O4 SO4 H . -3.08 21.13 19.12
S SO4 I . 1.11 16.83 0.30
O1 SO4 I . -0.09 16.93 1.09
O2 SO4 I . 1.24 15.49 -0.19
O3 SO4 I . 1.05 17.75 -0.79
O4 SO4 I . 2.25 17.14 1.12
C1 NAG J . -1.37 3.78 42.81
C2 NAG J . -0.64 4.21 44.09
C3 NAG J . -1.65 4.53 45.20
C4 NAG J . -2.71 5.51 44.70
C5 NAG J . -3.35 4.97 43.44
C6 NAG J . -4.39 5.89 42.86
C7 NAG J . 1.51 3.02 43.99
C8 NAG J . 2.34 1.92 44.58
N2 NAG J . 0.30 3.19 44.53
O3 NAG J . -0.96 5.08 46.33
O4 NAG J . -3.70 5.69 45.71
O5 NAG J . -2.35 4.77 42.45
O6 NAG J . -5.56 5.93 43.67
O7 NAG J . 1.91 3.71 43.05
#